data_3BWS
#
_entry.id   3BWS
#
_cell.length_a   78.953
_cell.length_b   86.865
_cell.length_c   132.418
_cell.angle_alpha   90.00
_cell.angle_beta   90.00
_cell.angle_gamma   90.00
#
_symmetry.space_group_name_H-M   'P 21 21 21'
#
loop_
_entity.id
_entity.type
_entity.pdbx_description
1 polymer 'protein Lp49'
2 non-polymer 'SULFATE ION'
3 water water
#
_entity_poly.entity_id   1
_entity_poly.type   'polypeptide(L)'
_entity_poly.pdbx_seq_one_letter_code
;MHHHHHHLESSGDFSLLSSPINREKNGTEIVKFSIHPYKGTVIRLGEEILPFKVLEMDKNIALVE(MSE)AIPVYKDEKE
IELKLSSPGFQNSSYRIRKPEELNEKLIALDKEGITHRFISRFKTGFQPKSVRFIDNTRLAIPLLEDEG(MSE)DVLDIN
SGQTVRLSPPEKYKKKLGFVETISIPEHNELWVSQ(MSE)QANAVHVFDLKTLAYKATVDLTGKWSKILLYDPIRDLVYC
SNWISEDISVIDRKTKLEIRKTDKIGLPRGLLLSKDGKELYIAQFSASNQESGGGRLGIYS(MSE)DKEKLIDTIGPPGN
KRHIVSGNTENKIYVSD(MSE)CCSKIEVYDLKEKKVQKSIPVFDKPNTIALSPDGKYLYVSCRGPNHPTEGYLKKGLVL
GKVYVIDTTTDTVKEFWEAGNQPTGLDVSPDNRYLVISDFLDHQIRVYRRDGF
;
_entity_poly.pdbx_strand_id   A,B
#
loop_
_chem_comp.id
_chem_comp.type
_chem_comp.name
_chem_comp.formula
SO4 non-polymer 'SULFATE ION' 'O4 S -2'
#
# COMPACT_ATOMS: atom_id res chain seq x y z
N GLY A 27 -28.20 -18.36 -17.57
CA GLY A 27 -28.46 -19.30 -16.45
C GLY A 27 -27.94 -18.79 -15.11
N THR A 28 -27.61 -19.72 -14.23
CA THR A 28 -27.23 -19.41 -12.84
C THR A 28 -25.81 -19.85 -12.46
N GLU A 29 -25.33 -19.32 -11.32
CA GLU A 29 -24.14 -19.82 -10.66
C GLU A 29 -24.46 -20.00 -9.18
N ILE A 30 -24.10 -21.17 -8.65
CA ILE A 30 -24.24 -21.45 -7.22
C ILE A 30 -23.03 -20.88 -6.48
N VAL A 31 -23.30 -19.97 -5.56
CA VAL A 31 -22.23 -19.38 -4.73
C VAL A 31 -22.40 -19.77 -3.26
N LYS A 32 -21.31 -19.70 -2.50
CA LYS A 32 -21.34 -19.99 -1.07
C LYS A 32 -20.68 -18.83 -0.33
N PHE A 33 -21.39 -18.29 0.65
CA PHE A 33 -20.95 -17.12 1.40
C PHE A 33 -21.60 -17.15 2.78
N SER A 34 -21.22 -16.22 3.64
CA SER A 34 -21.78 -16.19 4.98
C SER A 34 -22.67 -14.97 5.19
N ILE A 35 -23.73 -15.13 5.98
CA ILE A 35 -24.59 -14.01 6.32
C ILE A 35 -24.70 -13.88 7.83
N HIS A 36 -24.75 -12.64 8.29
CA HIS A 36 -24.80 -12.35 9.70
C HIS A 36 -25.67 -11.11 9.89
N PRO A 37 -26.89 -11.27 10.46
CA PRO A 37 -27.52 -12.46 11.01
C PRO A 37 -28.18 -13.37 9.97
N TYR A 38 -28.41 -14.61 10.35
CA TYR A 38 -29.19 -15.53 9.53
C TYR A 38 -30.70 -15.43 9.83
N LYS A 39 -31.06 -15.39 11.11
CA LYS A 39 -32.47 -15.41 11.53
C LYS A 39 -33.28 -14.22 11.02
N GLY A 40 -34.34 -14.49 10.26
CA GLY A 40 -35.23 -13.45 9.73
C GLY A 40 -34.76 -12.81 8.44
N THR A 41 -33.58 -13.19 7.97
CA THR A 41 -32.95 -12.51 6.86
C THR A 41 -33.42 -13.01 5.49
N VAL A 42 -33.74 -12.05 4.63
CA VAL A 42 -34.12 -12.31 3.24
C VAL A 42 -33.11 -11.63 2.29
N ILE A 43 -32.81 -12.32 1.20
CA ILE A 43 -32.08 -11.75 0.08
C ILE A 43 -33.01 -11.71 -1.13
N ARG A 44 -33.14 -10.53 -1.71
CA ARG A 44 -33.91 -10.35 -2.94
C ARG A 44 -33.00 -9.80 -4.04
N LEU A 45 -33.42 -10.02 -5.28
CA LEU A 45 -32.75 -9.53 -6.47
C LEU A 45 -33.85 -9.24 -7.48
N GLY A 46 -33.92 -7.99 -7.92
CA GLY A 46 -34.96 -7.55 -8.82
C GLY A 46 -36.33 -7.69 -8.19
N GLU A 47 -36.36 -7.53 -6.86
CA GLU A 47 -37.58 -7.55 -6.03
C GLU A 47 -38.22 -8.95 -5.91
N GLU A 48 -37.45 -9.97 -6.26
CA GLU A 48 -37.86 -11.36 -6.09
C GLU A 48 -36.91 -12.03 -5.10
N ILE A 49 -37.44 -12.97 -4.31
CA ILE A 49 -36.63 -13.73 -3.35
C ILE A 49 -35.59 -14.57 -4.10
N LEU A 50 -34.36 -14.49 -3.63
CA LEU A 50 -33.31 -15.39 -4.08
C LEU A 50 -33.12 -16.44 -2.99
N PRO A 51 -33.65 -17.65 -3.22
CA PRO A 51 -33.61 -18.62 -2.15
C PRO A 51 -32.18 -19.09 -1.90
N PHE A 52 -31.88 -19.37 -0.64
CA PHE A 52 -30.60 -19.95 -0.27
C PHE A 52 -30.79 -21.17 0.63
N LYS A 53 -29.73 -21.96 0.74
CA LYS A 53 -29.74 -23.19 1.52
C LYS A 53 -28.69 -23.03 2.60
N VAL A 54 -29.05 -23.35 3.84
CA VAL A 54 -28.10 -23.25 4.94
C VAL A 54 -27.19 -24.47 4.92
N LEU A 55 -25.89 -24.21 4.92
CA LEU A 55 -24.87 -25.26 4.98
C LEU A 55 -24.34 -25.45 6.38
N GLU A 56 -24.04 -24.35 7.06
CA GLU A 56 -23.50 -24.39 8.41
C GLU A 56 -24.12 -23.26 9.23
N MET A 57 -24.34 -23.53 10.52
CA MET A 57 -24.79 -22.51 11.46
C MET A 57 -23.82 -22.35 12.62
N ASP A 58 -23.37 -21.11 12.85
CA ASP A 58 -22.50 -20.78 13.96
C ASP A 58 -23.07 -19.60 14.74
N LYS A 59 -23.81 -19.91 15.80
CA LYS A 59 -24.65 -18.93 16.50
C LYS A 59 -25.51 -18.24 15.46
N ASN A 60 -25.34 -16.92 15.27
CA ASN A 60 -26.14 -16.19 14.30
C ASN A 60 -25.49 -16.02 12.94
N ILE A 61 -24.36 -16.70 12.69
CA ILE A 61 -23.71 -16.60 11.39
C ILE A 61 -23.97 -17.88 10.62
N ALA A 62 -24.47 -17.73 9.40
CA ALA A 62 -24.80 -18.88 8.57
C ALA A 62 -23.96 -18.91 7.32
N LEU A 63 -23.37 -20.08 7.05
CA LEU A 63 -22.81 -20.38 5.73
C LEU A 63 -23.92 -20.90 4.87
N VAL A 64 -24.15 -20.24 3.74
CA VAL A 64 -25.30 -20.55 2.89
C VAL A 64 -24.86 -20.72 1.43
N GLU A 65 -25.62 -21.50 0.66
CA GLU A 65 -25.40 -21.53 -0.78
C GLU A 65 -26.64 -21.03 -1.50
N MSE A 66 -26.41 -20.30 -2.58
CA MSE A 66 -27.49 -19.61 -3.27
C MSE A 66 -27.21 -19.64 -4.76
O MSE A 66 -26.05 -19.55 -5.17
CB MSE A 66 -27.53 -18.17 -2.78
CG MSE A 66 -28.62 -17.34 -3.34
SE MSE A 66 -28.70 -15.66 -2.36
CE MSE A 66 -27.21 -14.73 -3.21
N ALA A 67 -28.26 -19.77 -5.56
CA ALA A 67 -28.16 -19.64 -7.02
C ALA A 67 -28.40 -18.19 -7.44
N ILE A 68 -27.46 -17.63 -8.19
CA ILE A 68 -27.58 -16.27 -8.70
C ILE A 68 -27.66 -16.38 -10.21
N PRO A 69 -28.64 -15.67 -10.84
CA PRO A 69 -28.65 -15.61 -12.30
C PRO A 69 -27.43 -14.85 -12.81
N VAL A 70 -27.00 -15.19 -14.02
CA VAL A 70 -25.91 -14.47 -14.67
C VAL A 70 -26.51 -13.33 -15.49
N TYR A 71 -26.51 -12.14 -14.88
CA TYR A 71 -26.96 -10.91 -15.52
C TYR A 71 -26.05 -10.57 -16.70
N LYS A 72 -26.68 -10.23 -17.83
CA LYS A 72 -25.94 -9.91 -19.05
C LYS A 72 -26.01 -8.41 -19.36
N ASP A 73 -25.49 -8.02 -20.53
CA ASP A 73 -25.53 -6.64 -21.04
C ASP A 73 -25.21 -5.54 -20.01
N GLU A 74 -24.13 -5.76 -19.26
CA GLU A 74 -23.59 -4.79 -18.29
C GLU A 74 -24.53 -4.46 -17.11
N LYS A 75 -25.56 -5.29 -16.92
CA LYS A 75 -26.47 -5.15 -15.79
C LYS A 75 -25.82 -5.58 -14.48
N GLU A 76 -25.82 -4.66 -13.52
CA GLU A 76 -25.26 -4.87 -12.19
C GLU A 76 -26.20 -5.74 -11.36
N ILE A 77 -25.64 -6.72 -10.66
CA ILE A 77 -26.41 -7.54 -9.73
C ILE A 77 -26.45 -6.82 -8.38
N GLU A 78 -27.63 -6.28 -8.04
CA GLU A 78 -27.80 -5.64 -6.75
C GLU A 78 -28.61 -6.54 -5.83
N LEU A 79 -27.92 -7.20 -4.92
CA LEU A 79 -28.56 -7.99 -3.89
C LEU A 79 -29.09 -7.08 -2.81
N LYS A 80 -30.36 -7.27 -2.45
CA LYS A 80 -30.97 -6.48 -1.39
C LYS A 80 -31.25 -7.34 -0.15
N LEU A 81 -30.55 -7.02 0.93
CA LEU A 81 -30.66 -7.78 2.17
C LEU A 81 -31.47 -7.02 3.22
N SER A 82 -32.32 -7.76 3.92
CA SER A 82 -33.16 -7.17 4.95
C SER A 82 -33.45 -8.17 6.05
N SER A 83 -33.58 -7.65 7.28
CA SER A 83 -33.79 -8.50 8.48
C SER A 83 -34.37 -7.66 9.60
N PRO A 84 -35.31 -8.23 10.39
CA PRO A 84 -35.89 -7.51 11.52
C PRO A 84 -34.83 -6.97 12.48
N GLY A 85 -34.96 -5.69 12.83
CA GLY A 85 -34.02 -5.02 13.75
C GLY A 85 -32.72 -4.60 13.10
N PHE A 86 -32.64 -4.74 11.77
CA PHE A 86 -31.43 -4.39 11.00
C PHE A 86 -31.72 -3.42 9.87
N GLN A 87 -30.76 -2.57 9.55
CA GLN A 87 -30.87 -1.69 8.40
C GLN A 87 -30.78 -2.52 7.11
N ASN A 88 -31.49 -2.09 6.07
CA ASN A 88 -31.36 -2.69 4.75
C ASN A 88 -29.96 -2.46 4.18
N SER A 89 -29.38 -3.50 3.56
CA SER A 89 -28.11 -3.38 2.82
C SER A 89 -28.34 -3.75 1.37
N SER A 90 -27.65 -3.05 0.47
CA SER A 90 -27.50 -3.46 -0.92
C SER A 90 -26.10 -3.99 -1.12
N TYR A 91 -25.98 -5.16 -1.74
CA TYR A 91 -24.68 -5.73 -2.06
C TYR A 91 -24.58 -5.86 -3.58
N ARG A 92 -23.74 -5.02 -4.18
CA ARG A 92 -23.61 -4.95 -5.63
C ARG A 92 -22.41 -5.75 -6.11
N ILE A 93 -22.64 -6.60 -7.11
CA ILE A 93 -21.59 -7.40 -7.71
C ILE A 93 -21.70 -7.38 -9.24
N ARG A 94 -20.56 -7.46 -9.91
CA ARG A 94 -20.57 -7.52 -11.38
C ARG A 94 -20.91 -8.94 -11.82
N LYS A 95 -20.44 -9.92 -11.03
CA LYS A 95 -20.61 -11.33 -11.35
C LYS A 95 -20.89 -12.14 -10.07
N PRO A 96 -21.69 -13.23 -10.19
CA PRO A 96 -21.97 -14.10 -9.05
C PRO A 96 -20.72 -14.48 -8.26
N GLU A 97 -19.70 -14.99 -8.97
CA GLU A 97 -18.40 -15.38 -8.40
C GLU A 97 -17.85 -14.44 -7.32
N GLU A 98 -18.03 -13.13 -7.51
CA GLU A 98 -17.55 -12.11 -6.55
C GLU A 98 -18.03 -12.31 -5.11
N LEU A 99 -19.17 -12.99 -4.95
CA LEU A 99 -19.77 -13.19 -3.63
C LEU A 99 -19.21 -14.41 -2.90
N ASN A 100 -18.60 -15.33 -3.64
CA ASN A 100 -17.98 -16.51 -3.03
C ASN A 100 -17.04 -16.15 -1.89
N GLU A 101 -17.23 -16.87 -0.78
CA GLU A 101 -16.39 -16.75 0.40
C GLU A 101 -16.49 -15.38 1.10
N LYS A 102 -17.47 -14.58 0.72
CA LYS A 102 -17.73 -13.30 1.38
C LYS A 102 -18.55 -13.47 2.67
N LEU A 103 -18.44 -12.49 3.55
CA LEU A 103 -19.35 -12.36 4.68
C LEU A 103 -20.15 -11.09 4.44
N ILE A 104 -21.47 -11.21 4.42
CA ILE A 104 -22.32 -10.03 4.46
C ILE A 104 -22.85 -9.85 5.89
N ALA A 105 -22.44 -8.78 6.56
CA ALA A 105 -22.97 -8.51 7.88
C ALA A 105 -23.81 -7.24 7.85
N LEU A 106 -25.06 -7.38 8.28
CA LEU A 106 -26.01 -6.29 8.30
C LEU A 106 -25.75 -5.38 9.49
N ASP A 107 -26.10 -4.11 9.35
CA ASP A 107 -25.96 -3.15 10.43
C ASP A 107 -27.23 -3.07 11.26
N LYS A 108 -27.06 -3.20 12.57
CA LYS A 108 -28.13 -3.10 13.55
C LYS A 108 -28.79 -1.73 13.45
N GLU A 109 -30.11 -1.68 13.61
CA GLU A 109 -30.84 -0.42 13.48
C GLU A 109 -30.28 0.63 14.45
N GLY A 110 -30.10 1.85 13.96
CA GLY A 110 -29.65 2.95 14.82
C GLY A 110 -28.15 3.12 15.02
N ILE A 111 -27.34 2.16 14.58
CA ILE A 111 -25.88 2.33 14.73
C ILE A 111 -25.31 3.22 13.63
N THR A 112 -24.20 3.90 13.93
CA THR A 112 -23.60 4.88 13.03
C THR A 112 -22.24 4.44 12.50
N HIS A 113 -21.93 3.16 12.70
CA HIS A 113 -20.74 2.53 12.15
C HIS A 113 -21.19 1.39 11.24
N ARG A 114 -20.79 1.40 9.97
CA ARG A 114 -21.37 0.47 9.00
C ARG A 114 -20.36 -0.56 8.56
N PHE A 115 -20.78 -1.82 8.49
CA PHE A 115 -19.90 -2.90 8.04
C PHE A 115 -19.45 -2.65 6.60
N ILE A 116 -18.14 -2.69 6.37
CA ILE A 116 -17.60 -2.59 5.01
C ILE A 116 -17.16 -3.95 4.48
N SER A 117 -16.24 -4.61 5.18
CA SER A 117 -15.66 -5.87 4.70
C SER A 117 -15.21 -6.76 5.82
N ARG A 118 -15.07 -8.03 5.48
CA ARG A 118 -14.37 -9.03 6.26
C ARG A 118 -13.15 -9.47 5.44
N PHE A 119 -11.98 -9.54 6.07
CA PHE A 119 -10.76 -10.03 5.42
C PHE A 119 -10.16 -11.17 6.23
N LYS A 120 -9.87 -12.30 5.58
CA LYS A 120 -9.20 -13.42 6.23
C LYS A 120 -7.75 -13.11 6.55
N THR A 121 -7.30 -13.51 7.73
CA THR A 121 -5.90 -13.32 8.11
C THR A 121 -5.29 -14.71 8.30
N GLY A 122 -4.04 -14.76 8.74
CA GLY A 122 -3.46 -16.01 9.24
C GLY A 122 -4.07 -16.36 10.58
N PHE A 123 -3.56 -17.39 11.25
CA PHE A 123 -4.23 -17.97 12.42
C PHE A 123 -4.08 -17.15 13.70
N GLN A 124 -5.23 -16.92 14.33
CA GLN A 124 -5.37 -16.20 15.61
C GLN A 124 -4.77 -14.79 15.60
N PRO A 125 -5.40 -13.86 14.83
CA PRO A 125 -4.99 -12.44 14.80
C PRO A 125 -5.27 -11.83 16.16
N LYS A 126 -4.21 -11.56 16.89
CA LYS A 126 -4.29 -11.23 18.33
C LYS A 126 -4.56 -9.75 18.55
N SER A 127 -4.03 -8.93 17.65
CA SER A 127 -4.20 -7.50 17.76
C SER A 127 -4.22 -6.89 16.37
N VAL A 128 -4.70 -5.66 16.26
CA VAL A 128 -4.59 -4.91 15.02
C VAL A 128 -4.14 -3.50 15.35
N ARG A 129 -3.38 -2.89 14.44
CA ARG A 129 -2.93 -1.51 14.60
C ARG A 129 -2.79 -0.86 13.22
N PHE A 130 -3.45 0.28 13.03
CA PHE A 130 -3.25 1.06 11.82
C PHE A 130 -1.85 1.64 11.83
N ILE A 131 -1.10 1.37 10.77
CA ILE A 131 0.22 1.99 10.57
C ILE A 131 0.13 3.24 9.67
N ASP A 132 -1.01 3.39 8.99
CA ASP A 132 -1.43 4.65 8.37
C ASP A 132 -2.94 4.67 8.21
N ASN A 133 -3.46 5.44 7.26
CA ASN A 133 -4.92 5.58 7.11
C ASN A 133 -5.66 4.30 6.75
N THR A 134 -4.98 3.35 6.11
CA THR A 134 -5.66 2.15 5.59
C THR A 134 -4.98 0.79 5.83
N ARG A 135 -3.77 0.78 6.37
CA ARG A 135 -3.03 -0.47 6.48
C ARG A 135 -2.85 -0.88 7.92
N LEU A 136 -2.95 -2.18 8.18
CA LEU A 136 -2.94 -2.70 9.53
C LEU A 136 -1.83 -3.70 9.74
N ALA A 137 -1.22 -3.64 10.93
CA ALA A 137 -0.25 -4.65 11.35
C ALA A 137 -0.99 -5.58 12.29
N ILE A 138 -0.97 -6.88 11.98
CA ILE A 138 -1.82 -7.87 12.64
C ILE A 138 -0.94 -9.04 13.06
N PRO A 139 -0.43 -9.04 14.31
CA PRO A 139 0.28 -10.22 14.81
C PRO A 139 -0.58 -11.48 14.87
N LEU A 140 0.02 -12.61 14.56
CA LEU A 140 -0.75 -13.85 14.50
C LEU A 140 -0.28 -14.80 15.59
N LEU A 141 -1.16 -15.10 16.55
CA LEU A 141 -0.78 -15.91 17.73
C LEU A 141 -0.44 -17.36 17.37
N GLU A 142 -1.09 -17.89 16.35
CA GLU A 142 -0.79 -19.25 15.95
C GLU A 142 -0.32 -19.33 14.52
N ASP A 143 0.48 -18.32 14.12
CA ASP A 143 1.06 -18.30 12.79
C ASP A 143 2.47 -17.69 12.80
N GLU A 144 3.13 -17.74 11.64
CA GLU A 144 4.57 -17.53 11.53
C GLU A 144 4.98 -16.07 11.31
N GLY A 145 4.21 -15.15 11.88
CA GLY A 145 4.56 -13.74 11.79
C GLY A 145 3.39 -12.81 11.99
N MSE A 146 3.43 -11.71 11.25
CA MSE A 146 2.47 -10.64 11.38
C MSE A 146 1.95 -10.31 9.97
O MSE A 146 2.74 -10.22 9.04
CB MSE A 146 3.22 -9.46 11.99
CG MSE A 146 2.66 -8.10 11.72
SE MSE A 146 3.61 -6.90 12.88
CE MSE A 146 5.34 -6.79 11.97
N ASP A 147 0.63 -10.21 9.82
CA ASP A 147 0.10 -9.74 8.52
C ASP A 147 0.10 -8.23 8.41
N VAL A 148 0.46 -7.71 7.25
CA VAL A 148 0.22 -6.28 6.99
C VAL A 148 -0.83 -6.19 5.89
N LEU A 149 -1.96 -5.59 6.19
CA LEU A 149 -3.15 -5.71 5.35
C LEU A 149 -3.74 -4.34 5.06
N ASP A 150 -3.93 -4.05 3.78
CA ASP A 150 -4.59 -2.81 3.35
C ASP A 150 -6.10 -3.06 3.30
N ILE A 151 -6.86 -2.27 4.05
CA ILE A 151 -8.30 -2.50 4.18
C ILE A 151 -9.12 -1.95 3.01
N ASN A 152 -8.48 -1.14 2.16
CA ASN A 152 -9.09 -0.69 0.90
C ASN A 152 -9.22 -1.84 -0.09
N SER A 153 -8.15 -2.63 -0.22
CA SER A 153 -8.03 -3.58 -1.32
C SER A 153 -7.95 -5.03 -0.86
N GLY A 154 -7.68 -5.21 0.44
CA GLY A 154 -7.42 -6.55 0.99
C GLY A 154 -6.04 -7.09 0.67
N GLN A 155 -5.17 -6.25 0.10
CA GLN A 155 -3.79 -6.66 -0.19
C GLN A 155 -3.08 -6.97 1.12
N THR A 156 -2.48 -8.16 1.20
CA THR A 156 -1.81 -8.65 2.42
C THR A 156 -0.36 -9.08 2.14
N VAL A 157 0.51 -8.97 3.14
CA VAL A 157 1.88 -9.46 3.06
C VAL A 157 2.28 -9.92 4.46
N ARG A 158 3.06 -11.00 4.51
CA ARG A 158 3.43 -11.62 5.75
C ARG A 158 4.83 -11.16 6.12
N LEU A 159 4.95 -10.65 7.34
CA LEU A 159 6.25 -10.22 7.86
C LEU A 159 6.67 -11.19 8.93
N SER A 160 7.86 -11.75 8.73
CA SER A 160 8.38 -12.80 9.58
C SER A 160 9.79 -12.48 10.05
N PRO A 161 10.12 -12.91 11.30
CA PRO A 161 11.51 -12.91 11.75
C PRO A 161 12.16 -14.19 11.19
N PRO A 162 13.48 -14.35 11.38
CA PRO A 162 14.18 -15.56 10.92
C PRO A 162 13.53 -16.87 11.37
N GLU A 163 13.74 -17.93 10.60
CA GLU A 163 13.11 -19.24 10.81
C GLU A 163 13.11 -19.74 12.27
N LYS A 164 14.23 -19.59 12.97
CA LYS A 164 14.37 -20.06 14.36
C LYS A 164 13.34 -19.42 15.30
N TYR A 165 12.98 -18.17 14.99
CA TYR A 165 11.95 -17.46 15.73
C TYR A 165 10.55 -17.78 15.22
N LYS A 166 10.37 -17.66 13.91
CA LYS A 166 9.02 -17.67 13.32
C LYS A 166 8.26 -18.97 13.55
N LYS A 167 9.00 -20.08 13.64
CA LYS A 167 8.44 -21.39 13.91
C LYS A 167 7.80 -21.55 15.30
N LYS A 168 8.15 -20.68 16.23
CA LYS A 168 7.60 -20.74 17.57
C LYS A 168 6.22 -20.09 17.69
N LEU A 169 5.82 -19.34 16.66
CA LEU A 169 4.50 -18.68 16.61
C LEU A 169 4.32 -17.67 17.76
N GLY A 170 3.08 -17.39 18.15
CA GLY A 170 2.83 -16.51 19.30
C GLY A 170 3.22 -15.05 19.15
N PHE A 171 2.86 -14.44 18.02
CA PHE A 171 3.04 -13.00 17.81
C PHE A 171 1.85 -12.26 18.39
N VAL A 172 2.11 -11.20 19.16
CA VAL A 172 1.04 -10.70 20.03
C VAL A 172 0.61 -9.28 19.75
N GLU A 173 1.49 -8.32 20.04
CA GLU A 173 1.15 -6.92 19.99
C GLU A 173 2.18 -6.12 19.22
N THR A 174 1.83 -4.89 18.86
CA THR A 174 2.77 -4.05 18.12
C THR A 174 2.88 -2.66 18.72
N ILE A 175 3.94 -1.95 18.33
CA ILE A 175 3.89 -0.48 18.33
C ILE A 175 4.45 -0.01 17.01
N SER A 176 3.91 1.10 16.51
CA SER A 176 4.46 1.73 15.32
C SER A 176 5.19 2.99 15.73
N ILE A 177 6.42 3.14 15.22
CA ILE A 177 7.29 4.27 15.52
C ILE A 177 7.73 4.95 14.22
N PRO A 178 6.84 5.74 13.60
CA PRO A 178 7.13 6.27 12.27
C PRO A 178 8.27 7.29 12.25
N GLU A 179 8.45 8.01 13.36
CA GLU A 179 9.55 8.98 13.52
C GLU A 179 10.93 8.33 13.37
N HIS A 180 11.00 7.01 13.63
CA HIS A 180 12.24 6.26 13.38
C HIS A 180 12.05 5.15 12.36
N ASN A 181 10.90 5.19 11.66
CA ASN A 181 10.64 4.29 10.53
C ASN A 181 10.69 2.80 10.94
N GLU A 182 10.09 2.51 12.10
CA GLU A 182 10.11 1.14 12.65
C GLU A 182 8.74 0.63 13.10
N LEU A 183 8.57 -0.69 12.96
CA LEU A 183 7.38 -1.42 13.39
C LEU A 183 7.88 -2.58 14.24
N TRP A 184 7.46 -2.56 15.50
CA TRP A 184 7.88 -3.53 16.51
C TRP A 184 6.76 -4.50 16.83
N VAL A 185 7.10 -5.79 16.98
CA VAL A 185 6.12 -6.83 17.33
C VAL A 185 6.69 -7.78 18.39
N SER A 186 5.93 -7.98 19.46
CA SER A 186 6.36 -8.91 20.49
C SER A 186 6.03 -10.33 20.06
N GLN A 187 6.86 -11.29 20.50
CA GLN A 187 6.61 -12.71 20.27
C GLN A 187 6.76 -13.43 21.61
N MSE A 188 5.62 -13.76 22.23
CA MSE A 188 5.61 -14.31 23.58
C MSE A 188 6.31 -15.66 23.68
O MSE A 188 6.98 -15.95 24.67
CB MSE A 188 4.17 -14.38 24.14
CG MSE A 188 3.26 -15.38 23.44
SE MSE A 188 1.46 -15.38 24.24
CE MSE A 188 1.94 -15.79 26.05
N GLN A 189 6.18 -16.45 22.62
CA GLN A 189 6.72 -17.82 22.57
C GLN A 189 8.24 -17.88 22.44
N ALA A 190 8.90 -16.72 22.34
CA ALA A 190 10.34 -16.64 22.15
C ALA A 190 10.94 -15.61 23.09
N ASN A 191 10.13 -15.06 23.98
CA ASN A 191 10.53 -13.96 24.85
C ASN A 191 11.34 -12.92 24.09
N ALA A 192 10.77 -12.47 22.95
CA ALA A 192 11.48 -11.61 22.02
C ALA A 192 10.58 -10.49 21.52
N VAL A 193 11.21 -9.49 20.92
CA VAL A 193 10.50 -8.45 20.21
C VAL A 193 11.27 -8.20 18.92
N HIS A 194 10.55 -8.25 17.80
CA HIS A 194 11.14 -8.10 16.47
C HIS A 194 10.86 -6.72 15.92
N VAL A 195 11.80 -6.23 15.13
CA VAL A 195 11.72 -4.90 14.58
C VAL A 195 11.75 -5.03 13.06
N PHE A 196 10.79 -4.39 12.40
CA PHE A 196 10.74 -4.34 10.93
C PHE A 196 10.87 -2.91 10.47
N ASP A 197 11.41 -2.74 9.25
CA ASP A 197 11.42 -1.42 8.65
C ASP A 197 9.98 -1.10 8.24
N LEU A 198 9.52 0.09 8.61
CA LEU A 198 8.12 0.43 8.43
C LEU A 198 7.76 0.76 6.97
N LYS A 199 8.75 1.21 6.20
CA LYS A 199 8.54 1.55 4.78
C LYS A 199 8.80 0.37 3.89
N THR A 200 9.92 -0.30 4.11
CA THR A 200 10.33 -1.38 3.22
C THR A 200 9.74 -2.73 3.66
N LEU A 201 9.28 -2.79 4.91
CA LEU A 201 8.70 -4.00 5.56
C LEU A 201 9.71 -5.12 5.78
N ALA A 202 10.98 -4.82 5.61
CA ALA A 202 12.03 -5.79 5.84
C ALA A 202 12.24 -6.03 7.33
N TYR A 203 12.59 -7.26 7.66
CA TYR A 203 13.06 -7.59 9.01
C TYR A 203 14.35 -6.81 9.30
N LYS A 204 14.44 -6.28 10.51
CA LYS A 204 15.52 -5.36 10.89
C LYS A 204 16.35 -5.92 12.06
N ALA A 205 15.67 -6.35 13.13
CA ALA A 205 16.38 -6.81 14.34
C ALA A 205 15.44 -7.54 15.28
N THR A 206 16.04 -8.22 16.27
CA THR A 206 15.32 -8.91 17.33
C THR A 206 15.99 -8.56 18.65
N VAL A 207 15.17 -8.13 19.62
CA VAL A 207 15.57 -7.90 20.99
C VAL A 207 15.20 -9.15 21.76
N ASP A 208 16.21 -9.86 22.26
CA ASP A 208 15.98 -11.02 23.13
C ASP A 208 15.85 -10.54 24.55
N LEU A 209 14.69 -10.79 25.15
CA LEU A 209 14.38 -10.27 26.48
C LEU A 209 14.79 -11.26 27.58
N THR A 210 14.98 -10.73 28.79
CA THR A 210 15.31 -11.60 29.93
C THR A 210 14.08 -11.91 30.79
N GLY A 211 12.93 -11.32 30.44
CA GLY A 211 11.65 -11.70 31.04
C GLY A 211 11.02 -12.86 30.28
N LYS A 212 9.81 -13.23 30.69
CA LYS A 212 9.11 -14.35 30.06
C LYS A 212 7.69 -14.01 29.63
N TRP A 213 7.36 -14.35 28.38
CA TRP A 213 6.03 -14.20 27.74
C TRP A 213 5.66 -12.76 27.49
N SER A 214 6.51 -12.11 26.70
CA SER A 214 6.38 -10.72 26.30
C SER A 214 5.10 -10.50 25.49
N LYS A 215 4.34 -9.47 25.84
CA LYS A 215 3.07 -9.17 25.17
C LYS A 215 2.95 -7.70 24.76
N ILE A 216 2.40 -6.86 25.64
CA ILE A 216 2.17 -5.46 25.31
C ILE A 216 3.45 -4.63 25.20
N LEU A 217 3.52 -3.86 24.12
CA LEU A 217 4.58 -2.89 23.89
C LEU A 217 4.07 -1.47 24.07
N LEU A 218 4.94 -0.61 24.61
CA LEU A 218 4.66 0.81 24.75
C LEU A 218 5.92 1.57 24.31
N TYR A 219 5.76 2.66 23.58
CA TYR A 219 6.90 3.51 23.21
C TYR A 219 6.87 4.83 23.97
N ASP A 220 8.04 5.23 24.49
CA ASP A 220 8.23 6.55 25.09
C ASP A 220 9.13 7.35 24.17
N PRO A 221 8.56 8.33 23.45
CA PRO A 221 9.36 9.12 22.49
C PRO A 221 10.36 10.08 23.16
N ILE A 222 10.12 10.44 24.41
CA ILE A 222 10.97 11.38 25.14
C ILE A 222 12.31 10.71 25.51
N ARG A 223 12.22 9.54 26.14
CA ARG A 223 13.38 8.74 26.52
C ARG A 223 13.87 7.81 25.40
N ASP A 224 13.07 7.67 24.34
CA ASP A 224 13.35 6.76 23.22
C ASP A 224 13.57 5.32 23.69
N LEU A 225 12.63 4.85 24.52
CA LEU A 225 12.60 3.49 25.04
C LEU A 225 11.30 2.79 24.70
N VAL A 226 11.35 1.46 24.62
CA VAL A 226 10.18 0.63 24.44
C VAL A 226 10.03 -0.23 25.69
N TYR A 227 8.84 -0.22 26.28
CA TYR A 227 8.53 -1.07 27.43
C TYR A 227 7.75 -2.30 26.98
N CYS A 228 8.05 -3.44 27.57
CA CYS A 228 7.38 -4.66 27.22
C CYS A 228 6.88 -5.37 28.47
N SER A 229 5.56 -5.59 28.54
CA SER A 229 4.93 -6.37 29.61
C SER A 229 5.25 -7.83 29.48
N ASN A 230 5.79 -8.44 30.53
CA ASN A 230 6.13 -9.85 30.54
C ASN A 230 5.19 -10.65 31.44
N TRP A 231 4.28 -11.39 30.80
CA TRP A 231 3.22 -12.13 31.48
C TRP A 231 3.72 -13.09 32.57
N ILE A 232 4.69 -13.95 32.23
CA ILE A 232 5.12 -15.01 33.14
C ILE A 232 6.07 -14.50 34.25
N SER A 233 7.04 -13.67 33.88
CA SER A 233 7.99 -13.13 34.86
C SER A 233 7.43 -11.98 35.68
N GLU A 234 6.22 -11.51 35.34
CA GLU A 234 5.51 -10.53 36.16
C GLU A 234 6.25 -9.20 36.28
N ASP A 235 6.93 -8.81 35.19
CA ASP A 235 7.71 -7.58 35.17
C ASP A 235 7.67 -6.94 33.79
N ILE A 236 8.37 -5.81 33.66
CA ILE A 236 8.41 -5.02 32.43
C ILE A 236 9.85 -4.86 31.95
N SER A 237 10.12 -5.20 30.70
CA SER A 237 11.45 -5.01 30.13
C SER A 237 11.54 -3.61 29.55
N VAL A 238 12.66 -2.96 29.82
CA VAL A 238 12.96 -1.66 29.23
C VAL A 238 14.01 -1.92 28.14
N ILE A 239 13.66 -1.54 26.91
CA ILE A 239 14.51 -1.71 25.72
C ILE A 239 14.89 -0.35 25.15
N ASP A 240 16.19 -0.14 24.92
CA ASP A 240 16.67 1.03 24.19
C ASP A 240 16.26 0.85 22.73
N ARG A 241 15.45 1.77 22.26
CA ARG A 241 14.87 1.67 20.92
C ARG A 241 15.99 1.74 19.88
N LYS A 242 16.96 2.63 20.09
CA LYS A 242 18.08 2.79 19.15
C LYS A 242 18.96 1.55 19.02
N THR A 243 19.36 0.97 20.15
CA THR A 243 20.34 -0.12 20.16
C THR A 243 19.75 -1.53 20.04
N LYS A 244 18.43 -1.64 20.19
CA LYS A 244 17.71 -2.92 20.18
C LYS A 244 18.22 -3.87 21.26
N LEU A 245 18.49 -3.32 22.43
CA LEU A 245 18.96 -4.08 23.58
C LEU A 245 18.13 -3.78 24.82
N GLU A 246 17.77 -4.82 25.56
CA GLU A 246 17.11 -4.64 26.85
C GLU A 246 18.13 -4.06 27.84
N ILE A 247 17.82 -2.88 28.38
CA ILE A 247 18.78 -2.16 29.24
C ILE A 247 18.53 -2.35 30.74
N ARG A 248 17.26 -2.62 31.08
CA ARG A 248 16.86 -2.97 32.44
C ARG A 248 15.49 -3.60 32.42
N LYS A 249 15.05 -4.05 33.58
CA LYS A 249 13.75 -4.68 33.78
C LYS A 249 13.29 -4.37 35.20
N THR A 250 11.98 -4.17 35.38
CA THR A 250 11.42 -3.87 36.70
C THR A 250 11.50 -5.07 37.65
N ASP A 251 11.26 -4.78 38.94
CA ASP A 251 10.91 -5.84 39.91
C ASP A 251 9.52 -6.35 39.54
N LYS A 252 9.08 -7.44 40.19
CA LYS A 252 7.72 -7.94 39.99
C LYS A 252 6.70 -6.86 40.34
N ILE A 253 5.75 -6.65 39.45
CA ILE A 253 4.80 -5.53 39.57
C ILE A 253 3.36 -6.02 39.37
N GLY A 254 3.11 -7.26 39.77
CA GLY A 254 1.84 -7.92 39.47
C GLY A 254 1.96 -8.61 38.13
N LEU A 255 0.88 -9.25 37.68
CA LEU A 255 0.88 -9.87 36.37
C LEU A 255 0.36 -8.85 35.35
N PRO A 256 1.27 -8.27 34.54
CA PRO A 256 0.92 -7.11 33.73
C PRO A 256 0.39 -7.48 32.36
N ARG A 257 -0.43 -6.60 31.80
CA ARG A 257 -0.69 -6.63 30.37
C ARG A 257 -0.58 -5.20 29.82
N GLY A 258 -1.68 -4.46 29.85
CA GLY A 258 -1.70 -3.13 29.27
C GLY A 258 -0.78 -2.18 30.02
N LEU A 259 -0.26 -1.20 29.29
CA LEU A 259 0.62 -0.18 29.86
C LEU A 259 0.25 1.20 29.33
N LEU A 260 0.46 2.22 30.15
CA LEU A 260 0.28 3.58 29.67
C LEU A 260 1.19 4.49 30.46
N LEU A 261 1.93 5.33 29.75
CA LEU A 261 2.83 6.27 30.36
C LEU A 261 2.11 7.60 30.57
N SER A 262 2.28 8.19 31.75
CA SER A 262 1.65 9.47 32.06
C SER A 262 2.10 10.56 31.10
N LYS A 263 1.33 11.64 31.04
CA LYS A 263 1.65 12.79 30.18
C LYS A 263 3.01 13.38 30.57
N ASP A 264 3.24 13.55 31.88
CA ASP A 264 4.53 14.07 32.38
C ASP A 264 5.70 13.09 32.27
N GLY A 265 5.44 11.87 31.81
CA GLY A 265 6.46 10.83 31.66
C GLY A 265 6.96 10.22 32.95
N LYS A 266 6.42 10.68 34.08
CA LYS A 266 6.95 10.36 35.40
C LYS A 266 6.36 9.10 36.01
N GLU A 267 5.20 8.66 35.51
CA GLU A 267 4.52 7.46 36.03
C GLU A 267 4.13 6.52 34.91
N LEU A 268 4.26 5.23 35.17
CA LEU A 268 3.86 4.20 34.24
C LEU A 268 2.64 3.46 34.82
N TYR A 269 1.53 3.44 34.07
CA TYR A 269 0.31 2.78 34.53
C TYR A 269 0.27 1.36 34.01
N ILE A 270 0.11 0.43 34.93
CA ILE A 270 0.22 -0.99 34.62
C ILE A 270 -1.11 -1.67 34.88
N ALA A 271 -1.71 -2.20 33.81
CA ALA A 271 -2.91 -3.03 33.93
C ALA A 271 -2.51 -4.39 34.46
N GLN A 272 -2.79 -4.62 35.75
CA GLN A 272 -2.52 -5.93 36.30
C GLN A 272 -3.67 -6.86 35.96
N PHE A 273 -3.41 -7.82 35.10
CA PHE A 273 -4.41 -8.82 34.78
C PHE A 273 -4.75 -9.63 36.02
N SER A 274 -3.76 -9.80 36.90
CA SER A 274 -3.98 -10.31 38.24
C SER A 274 -2.84 -9.92 39.18
N ALA A 275 -2.96 -10.31 40.45
CA ALA A 275 -1.91 -10.02 41.43
C ALA A 275 -0.60 -10.77 41.14
N SER A 276 -0.71 -11.98 40.58
CA SER A 276 0.45 -12.82 40.24
C SER A 276 -0.02 -14.02 39.46
N ASN A 277 0.91 -14.80 38.90
CA ASN A 277 0.53 -16.03 38.19
C ASN A 277 -0.03 -17.10 39.14
N GLN A 278 -0.01 -16.82 40.44
CA GLN A 278 -0.51 -17.76 41.45
C GLN A 278 -1.99 -17.57 41.80
N GLU A 279 -2.56 -16.43 41.42
CA GLU A 279 -3.99 -16.22 41.56
C GLU A 279 -4.71 -15.79 40.26
N SER A 280 -6.01 -15.99 40.22
CA SER A 280 -6.83 -15.73 39.03
C SER A 280 -7.24 -14.27 38.90
N GLY A 281 -7.27 -13.55 40.02
CA GLY A 281 -7.71 -12.17 40.05
C GLY A 281 -6.85 -11.31 40.96
N GLY A 282 -7.45 -10.26 41.52
CA GLY A 282 -6.75 -9.36 42.44
C GLY A 282 -5.85 -8.33 41.78
N GLY A 283 -5.96 -8.22 40.46
CA GLY A 283 -5.23 -7.20 39.74
C GLY A 283 -5.86 -5.85 39.94
N ARG A 284 -5.02 -4.84 40.01
CA ARG A 284 -5.48 -3.46 40.11
C ARG A 284 -4.74 -2.65 39.06
N LEU A 285 -5.01 -1.35 38.99
CA LEU A 285 -4.18 -0.46 38.20
C LEU A 285 -2.94 -0.08 39.03
N GLY A 286 -1.77 -0.58 38.61
CA GLY A 286 -0.50 -0.26 39.28
C GLY A 286 0.03 1.11 38.89
N ILE A 287 0.61 1.81 39.85
CA ILE A 287 1.23 3.11 39.60
C ILE A 287 2.73 2.96 39.89
N TYR A 288 3.50 3.02 38.81
CA TYR A 288 4.95 2.80 38.87
C TYR A 288 5.63 4.14 38.68
N SER A 289 6.44 4.54 39.67
CA SER A 289 7.18 5.78 39.62
C SER A 289 8.42 5.55 38.78
N MSE A 290 8.56 6.29 37.70
CA MSE A 290 9.72 6.15 36.82
C MSE A 290 11.01 6.57 37.52
O MSE A 290 12.02 5.90 37.43
CB MSE A 290 9.53 6.92 35.51
CG MSE A 290 8.40 6.36 34.67
SE MSE A 290 8.79 4.54 34.07
CE MSE A 290 8.85 4.96 32.21
N ASP A 291 10.95 7.69 38.26
CA ASP A 291 12.09 8.19 39.00
C ASP A 291 12.53 7.26 40.13
N LYS A 292 11.57 6.78 40.93
CA LYS A 292 11.89 5.90 42.05
C LYS A 292 12.07 4.43 41.65
N GLU A 293 11.74 4.12 40.39
CA GLU A 293 11.81 2.75 39.85
C GLU A 293 11.13 1.73 40.74
N LYS A 294 9.92 2.06 41.18
CA LYS A 294 9.10 1.18 42.02
C LYS A 294 7.60 1.44 41.87
N LEU A 295 6.83 0.40 42.17
CA LEU A 295 5.38 0.49 42.27
C LEU A 295 5.05 1.27 43.54
N ILE A 296 4.46 2.45 43.39
CA ILE A 296 4.15 3.30 44.54
C ILE A 296 2.69 3.16 45.03
N ASP A 297 1.79 2.69 44.17
CA ASP A 297 0.37 2.54 44.51
C ASP A 297 -0.28 1.54 43.56
N THR A 298 -1.40 0.95 44.01
CA THR A 298 -2.29 0.18 43.15
C THR A 298 -3.69 0.69 43.44
N ILE A 299 -4.44 1.04 42.39
CA ILE A 299 -5.75 1.65 42.60
C ILE A 299 -6.89 0.93 41.87
N GLY A 300 -8.13 1.34 42.17
CA GLY A 300 -9.31 0.70 41.63
C GLY A 300 -9.63 -0.59 42.35
N PRO A 301 -10.83 -1.17 42.10
CA PRO A 301 -11.15 -2.44 42.74
C PRO A 301 -10.40 -3.61 42.09
N PRO A 302 -10.31 -4.76 42.80
CA PRO A 302 -9.62 -5.92 42.27
C PRO A 302 -10.34 -6.54 41.07
N GLY A 303 -9.56 -7.04 40.12
CA GLY A 303 -10.10 -7.76 38.97
C GLY A 303 -9.02 -8.24 38.01
N ASN A 304 -9.31 -8.13 36.73
CA ASN A 304 -8.38 -8.56 35.69
C ASN A 304 -8.18 -7.42 34.72
N LYS A 305 -7.42 -6.41 35.14
CA LYS A 305 -7.23 -5.24 34.30
C LYS A 305 -6.48 -5.65 33.04
N ARG A 306 -6.94 -5.17 31.90
CA ARG A 306 -6.45 -5.67 30.63
C ARG A 306 -5.81 -4.55 29.83
N HIS A 307 -6.62 -3.66 29.28
CA HIS A 307 -6.10 -2.62 28.40
C HIS A 307 -6.28 -1.25 29.04
N ILE A 308 -5.35 -0.33 28.73
CA ILE A 308 -5.41 1.05 29.25
C ILE A 308 -5.16 2.05 28.14
N VAL A 309 -6.03 3.05 28.02
CA VAL A 309 -5.77 4.18 27.13
C VAL A 309 -6.07 5.49 27.84
N SER A 310 -5.48 6.58 27.35
CA SER A 310 -5.84 7.91 27.86
C SER A 310 -7.20 8.32 27.32
N GLY A 311 -7.93 9.08 28.13
CA GLY A 311 -9.20 9.63 27.73
C GLY A 311 -9.00 10.88 26.91
N ASN A 312 -10.10 11.55 26.59
CA ASN A 312 -10.04 12.79 25.82
C ASN A 312 -9.75 14.02 26.71
N THR A 313 -9.69 13.81 28.02
CA THR A 313 -9.32 14.87 28.96
C THR A 313 -8.11 14.45 29.81
N GLU A 314 -7.46 15.44 30.43
CA GLU A 314 -6.13 15.26 31.03
C GLU A 314 -6.04 14.20 32.13
N ASN A 315 -7.00 14.23 33.03
CA ASN A 315 -6.94 13.43 34.24
C ASN A 315 -7.59 12.05 34.08
N LYS A 316 -8.02 11.75 32.84
CA LYS A 316 -8.87 10.60 32.54
C LYS A 316 -8.18 9.44 31.82
N ILE A 317 -8.25 8.25 32.40
CA ILE A 317 -7.86 7.03 31.69
C ILE A 317 -8.99 5.99 31.74
N TYR A 318 -9.06 5.17 30.68
CA TYR A 318 -10.03 4.09 30.58
C TYR A 318 -9.29 2.78 30.65
N VAL A 319 -9.88 1.84 31.38
CA VAL A 319 -9.29 0.55 31.61
C VAL A 319 -10.36 -0.50 31.42
N SER A 320 -10.06 -1.51 30.62
CA SER A 320 -10.96 -2.65 30.52
C SER A 320 -10.68 -3.66 31.64
N ASP A 321 -11.76 -4.10 32.30
CA ASP A 321 -11.66 -5.10 33.33
C ASP A 321 -12.39 -6.35 32.89
N MSE A 322 -11.59 -7.35 32.55
CA MSE A 322 -12.05 -8.63 32.05
C MSE A 322 -12.86 -9.46 33.05
O MSE A 322 -13.53 -10.41 32.63
CB MSE A 322 -10.82 -9.43 31.61
CG MSE A 322 -10.14 -8.87 30.36
SE MSE A 322 -10.95 -9.57 28.72
CE MSE A 322 -10.01 -11.27 28.65
N CYS A 323 -12.79 -9.13 34.34
CA CYS A 323 -13.55 -9.84 35.40
C CYS A 323 -15.05 -9.59 35.27
N CYS A 324 -15.42 -8.37 34.89
CA CYS A 324 -16.72 -7.85 35.27
C CYS A 324 -17.49 -7.08 34.21
N SER A 325 -17.24 -7.38 32.93
CA SER A 325 -18.00 -6.80 31.81
C SER A 325 -18.04 -5.26 31.88
N LYS A 326 -16.89 -4.64 32.17
CA LYS A 326 -16.90 -3.20 32.43
C LYS A 326 -15.65 -2.47 31.95
N ILE A 327 -15.82 -1.18 31.71
CA ILE A 327 -14.74 -0.26 31.46
C ILE A 327 -14.71 0.69 32.64
N GLU A 328 -13.53 0.89 33.22
CA GLU A 328 -13.38 1.76 34.37
C GLU A 328 -12.84 3.10 33.94
N VAL A 329 -13.42 4.15 34.48
CA VAL A 329 -12.95 5.49 34.19
C VAL A 329 -12.23 5.98 35.45
N TYR A 330 -10.91 6.08 35.35
CA TYR A 330 -10.07 6.49 36.49
C TYR A 330 -9.83 7.99 36.52
N ASP A 331 -9.85 8.54 37.73
CA ASP A 331 -9.41 9.90 37.96
C ASP A 331 -8.03 9.79 38.61
N LEU A 332 -7.01 10.20 37.86
CA LEU A 332 -5.61 10.04 38.29
C LEU A 332 -5.23 10.90 39.51
N LYS A 333 -5.62 12.17 39.50
CA LYS A 333 -5.46 13.07 40.66
C LYS A 333 -6.06 12.44 41.92
N GLU A 334 -7.31 11.99 41.80
CA GLU A 334 -8.04 11.39 42.92
C GLU A 334 -7.61 9.97 43.26
N LYS A 335 -6.89 9.34 42.32
CA LYS A 335 -6.35 7.98 42.50
C LYS A 335 -7.44 6.93 42.76
N LYS A 336 -8.49 6.95 41.93
CA LYS A 336 -9.50 5.89 41.94
C LYS A 336 -10.47 5.95 40.75
N VAL A 337 -11.47 5.09 40.78
CA VAL A 337 -12.45 4.97 39.71
C VAL A 337 -13.57 5.98 39.93
N GLN A 338 -13.84 6.80 38.92
CA GLN A 338 -14.97 7.73 38.99
C GLN A 338 -16.27 7.15 38.39
N LYS A 339 -16.15 6.11 37.57
CA LYS A 339 -17.30 5.50 36.88
C LYS A 339 -16.89 4.16 36.30
N SER A 340 -17.78 3.18 36.40
CA SER A 340 -17.70 1.94 35.61
C SER A 340 -18.80 1.95 34.54
N ILE A 341 -18.41 1.75 33.28
CA ILE A 341 -19.34 1.70 32.16
C ILE A 341 -19.60 0.24 31.84
N PRO A 342 -20.87 -0.20 31.98
CA PRO A 342 -21.14 -1.61 31.68
C PRO A 342 -21.07 -1.85 30.17
N VAL A 343 -20.42 -2.94 29.78
CA VAL A 343 -20.36 -3.39 28.39
C VAL A 343 -20.71 -4.89 28.36
N PHE A 344 -20.25 -5.61 27.35
CA PHE A 344 -20.52 -7.03 27.23
C PHE A 344 -19.38 -7.81 27.93
N ASP A 345 -19.54 -9.14 28.02
CA ASP A 345 -18.57 -10.02 28.62
C ASP A 345 -17.15 -9.88 28.02
N LYS A 346 -16.16 -9.90 28.89
CA LYS A 346 -14.73 -9.97 28.50
C LYS A 346 -14.26 -8.84 27.59
N PRO A 347 -14.39 -7.59 28.06
CA PRO A 347 -13.83 -6.50 27.27
C PRO A 347 -12.30 -6.57 27.27
N ASN A 348 -11.70 -6.55 26.07
CA ASN A 348 -10.24 -6.65 25.97
C ASN A 348 -9.64 -5.36 25.43
N THR A 349 -9.43 -5.27 24.10
CA THR A 349 -8.78 -4.08 23.52
C THR A 349 -9.78 -2.90 23.48
N ILE A 350 -9.31 -1.71 23.82
CA ILE A 350 -10.10 -0.49 23.71
C ILE A 350 -9.25 0.55 23.00
N ALA A 351 -9.89 1.52 22.34
CA ALA A 351 -9.17 2.59 21.64
C ALA A 351 -10.01 3.85 21.56
N LEU A 352 -9.37 4.98 21.82
CA LEU A 352 -10.03 6.28 21.66
C LEU A 352 -9.99 6.69 20.18
N SER A 353 -11.10 7.21 19.66
CA SER A 353 -11.10 7.81 18.32
C SER A 353 -10.13 9.01 18.34
N PRO A 354 -9.40 9.26 17.24
CA PRO A 354 -8.50 10.42 17.13
C PRO A 354 -9.12 11.76 17.55
N ASP A 355 -10.42 11.94 17.28
CA ASP A 355 -11.11 13.16 17.65
C ASP A 355 -11.58 13.15 19.10
N GLY A 356 -11.32 12.05 19.82
CA GLY A 356 -11.67 11.91 21.22
C GLY A 356 -13.15 11.72 21.56
N LYS A 357 -14.00 11.72 20.54
CA LYS A 357 -15.45 11.63 20.77
C LYS A 357 -15.91 10.25 21.27
N TYR A 358 -15.25 9.20 20.79
CA TYR A 358 -15.62 7.84 21.14
C TYR A 358 -14.49 7.05 21.76
N LEU A 359 -14.86 6.15 22.67
CA LEU A 359 -14.02 5.03 23.07
C LEU A 359 -14.65 3.77 22.53
N TYR A 360 -13.89 3.03 21.72
CA TYR A 360 -14.32 1.76 21.14
C TYR A 360 -13.82 0.60 21.97
N VAL A 361 -14.66 -0.42 22.13
CA VAL A 361 -14.37 -1.55 23.01
C VAL A 361 -14.65 -2.88 22.29
N SER A 362 -13.67 -3.76 22.31
CA SER A 362 -13.87 -5.12 21.84
C SER A 362 -14.32 -5.96 23.05
N CYS A 363 -15.40 -6.72 22.90
CA CYS A 363 -15.84 -7.67 23.94
C CYS A 363 -15.75 -9.11 23.41
N ARG A 364 -14.92 -9.92 24.07
CA ARG A 364 -14.68 -11.29 23.62
C ARG A 364 -15.90 -12.20 23.67
N GLY A 365 -16.83 -11.92 24.59
CA GLY A 365 -17.98 -12.79 24.84
C GLY A 365 -17.77 -13.68 26.06
N PRO A 366 -18.84 -14.30 26.57
CA PRO A 366 -18.69 -15.25 27.68
C PRO A 366 -17.89 -16.50 27.28
N ASN A 367 -17.01 -16.93 28.19
CA ASN A 367 -16.22 -18.15 27.99
C ASN A 367 -17.13 -19.35 27.83
N HIS A 368 -16.77 -20.30 26.97
CA HIS A 368 -17.52 -21.54 26.89
C HIS A 368 -17.77 -22.02 28.32
N PRO A 369 -19.04 -22.34 28.66
CA PRO A 369 -19.41 -22.59 30.07
C PRO A 369 -18.70 -23.81 30.67
N THR A 370 -18.42 -24.82 29.85
CA THR A 370 -17.70 -25.99 30.35
C THR A 370 -16.20 -25.95 30.01
N GLU A 371 -15.87 -25.52 28.79
CA GLU A 371 -14.52 -25.72 28.24
C GLU A 371 -13.57 -24.53 28.37
N GLY A 372 -14.10 -23.40 28.84
CA GLY A 372 -13.29 -22.19 29.03
C GLY A 372 -12.92 -21.52 27.73
N TYR A 373 -12.11 -20.46 27.83
CA TYR A 373 -11.89 -19.50 26.74
C TYR A 373 -11.07 -20.01 25.55
N LEU A 374 -10.41 -21.16 25.71
CA LEU A 374 -9.59 -21.71 24.64
C LEU A 374 -10.45 -22.31 23.54
N LYS A 375 -11.74 -22.41 23.82
CA LYS A 375 -12.71 -23.03 22.92
C LYS A 375 -13.73 -21.98 22.46
N LYS A 376 -14.12 -22.03 21.19
CA LYS A 376 -15.17 -21.15 20.66
C LYS A 376 -16.32 -21.08 21.63
N GLY A 377 -16.76 -19.87 21.94
CA GLY A 377 -17.89 -19.69 22.84
C GLY A 377 -19.22 -20.07 22.21
N LEU A 378 -20.24 -20.16 23.04
CA LEU A 378 -21.60 -20.42 22.57
C LEU A 378 -22.33 -19.12 22.23
N VAL A 379 -21.61 -18.01 22.39
CA VAL A 379 -22.16 -16.66 22.23
C VAL A 379 -21.11 -15.79 21.51
N LEU A 380 -21.54 -15.07 20.47
CA LEU A 380 -20.61 -14.23 19.69
C LEU A 380 -20.23 -12.99 20.48
N GLY A 381 -19.02 -12.48 20.23
CA GLY A 381 -18.59 -11.24 20.84
C GLY A 381 -19.28 -10.01 20.28
N LYS A 382 -18.95 -8.85 20.86
CA LYS A 382 -19.61 -7.59 20.53
C LYS A 382 -18.62 -6.44 20.47
N VAL A 383 -19.00 -5.37 19.78
CA VAL A 383 -18.23 -4.12 19.77
C VAL A 383 -19.07 -3.02 20.38
N TYR A 384 -18.45 -2.21 21.23
CA TYR A 384 -19.17 -1.13 21.90
C TYR A 384 -18.55 0.20 21.54
N VAL A 385 -19.41 1.20 21.45
CA VAL A 385 -19.03 2.59 21.19
C VAL A 385 -19.51 3.40 22.39
N ILE A 386 -18.58 4.09 23.03
CA ILE A 386 -18.86 4.83 24.25
C ILE A 386 -18.67 6.30 23.92
N ASP A 387 -19.68 7.12 24.25
CA ASP A 387 -19.60 8.55 24.11
C ASP A 387 -18.80 9.08 25.31
N THR A 388 -17.66 9.70 25.02
CA THR A 388 -16.73 10.08 26.07
C THR A 388 -17.16 11.33 26.85
N THR A 389 -18.05 12.15 26.26
CA THR A 389 -18.60 13.30 26.98
C THR A 389 -19.40 12.83 28.18
N THR A 390 -20.23 11.81 27.96
CA THR A 390 -21.12 11.34 29.00
C THR A 390 -20.61 10.07 29.69
N ASP A 391 -19.58 9.44 29.09
CA ASP A 391 -19.11 8.11 29.49
C ASP A 391 -20.26 7.10 29.62
N THR A 392 -21.08 7.06 28.58
CA THR A 392 -22.18 6.10 28.48
C THR A 392 -22.11 5.44 27.12
N VAL A 393 -22.66 4.24 27.02
CA VAL A 393 -22.64 3.50 25.75
C VAL A 393 -23.60 4.16 24.77
N LYS A 394 -23.09 4.57 23.61
CA LYS A 394 -23.90 5.15 22.56
C LYS A 394 -24.50 4.06 21.68
N GLU A 395 -23.67 3.13 21.24
CA GLU A 395 -24.13 2.02 20.41
C GLU A 395 -23.28 0.78 20.63
N PHE A 396 -23.80 -0.37 20.20
CA PHE A 396 -23.07 -1.64 20.19
C PHE A 396 -23.66 -2.60 19.17
N TRP A 397 -22.90 -3.60 18.76
CA TRP A 397 -23.38 -4.62 17.83
C TRP A 397 -22.61 -5.93 17.97
N GLU A 398 -23.18 -6.99 17.41
CA GLU A 398 -22.53 -8.30 17.36
C GLU A 398 -21.46 -8.45 16.30
N ALA A 399 -20.34 -9.09 16.67
CA ALA A 399 -19.30 -9.40 15.71
C ALA A 399 -19.09 -10.93 15.69
N GLY A 400 -17.84 -11.41 15.56
CA GLY A 400 -17.61 -12.85 15.42
C GLY A 400 -17.18 -13.57 16.68
N ASN A 401 -16.43 -14.65 16.50
CA ASN A 401 -15.91 -15.44 17.61
C ASN A 401 -14.69 -14.78 18.19
N GLN A 402 -14.85 -14.34 19.43
CA GLN A 402 -13.77 -13.75 20.24
C GLN A 402 -13.13 -12.48 19.65
N PRO A 403 -13.93 -11.39 19.49
CA PRO A 403 -13.27 -10.13 19.13
C PRO A 403 -12.14 -9.86 20.11
N THR A 404 -10.97 -9.55 19.56
CA THR A 404 -9.80 -9.31 20.39
C THR A 404 -9.04 -8.06 19.95
N GLY A 405 -8.58 -8.03 18.71
CA GLY A 405 -7.85 -6.86 18.22
C GLY A 405 -8.82 -5.71 17.96
N LEU A 406 -8.36 -4.48 18.16
CA LEU A 406 -9.18 -3.33 17.83
C LEU A 406 -8.31 -2.11 17.59
N ASP A 407 -8.57 -1.38 16.50
CA ASP A 407 -8.00 -0.06 16.34
C ASP A 407 -8.89 0.83 15.47
N VAL A 408 -8.62 2.12 15.52
CA VAL A 408 -9.33 3.10 14.72
C VAL A 408 -8.27 3.81 13.86
N SER A 409 -8.63 4.13 12.61
CA SER A 409 -7.70 4.77 11.69
C SER A 409 -7.45 6.22 12.13
N PRO A 410 -6.22 6.73 11.92
CA PRO A 410 -5.83 8.08 12.38
C PRO A 410 -6.69 9.24 11.87
N ASP A 411 -7.51 9.00 10.86
CA ASP A 411 -8.40 10.00 10.30
C ASP A 411 -9.86 9.86 10.80
N ASN A 412 -10.06 8.99 11.81
CA ASN A 412 -11.40 8.67 12.35
C ASN A 412 -12.29 7.79 11.48
N ARG A 413 -11.84 7.46 10.28
CA ARG A 413 -12.74 6.87 9.28
C ARG A 413 -13.12 5.42 9.57
N TYR A 414 -12.12 4.61 9.92
CA TYR A 414 -12.37 3.18 10.02
C TYR A 414 -12.16 2.64 11.43
N LEU A 415 -13.02 1.70 11.81
CA LEU A 415 -12.85 0.92 13.04
C LEU A 415 -12.65 -0.53 12.60
N VAL A 416 -11.61 -1.19 13.12
CA VAL A 416 -11.33 -2.58 12.74
C VAL A 416 -11.19 -3.43 14.00
N ILE A 417 -11.78 -4.62 13.98
CA ILE A 417 -11.63 -5.57 15.09
C ILE A 417 -11.12 -6.88 14.50
N SER A 418 -10.41 -7.69 15.29
CA SER A 418 -10.13 -9.04 14.87
C SER A 418 -11.05 -10.02 15.58
N ASP A 419 -11.63 -10.91 14.80
CA ASP A 419 -12.38 -12.02 15.31
C ASP A 419 -11.35 -13.13 15.49
N PHE A 420 -10.81 -13.23 16.71
CA PHE A 420 -9.62 -14.03 17.01
C PHE A 420 -9.71 -15.51 16.60
N LEU A 421 -10.85 -16.15 16.87
CA LEU A 421 -11.00 -17.56 16.52
C LEU A 421 -11.54 -17.80 15.12
N ASP A 422 -11.91 -16.72 14.42
CA ASP A 422 -12.40 -16.80 13.03
C ASP A 422 -11.31 -16.46 12.02
N HIS A 423 -10.13 -16.09 12.52
CA HIS A 423 -8.95 -15.81 11.68
C HIS A 423 -9.26 -14.77 10.61
N GLN A 424 -9.75 -13.62 11.07
CA GLN A 424 -10.25 -12.58 10.18
C GLN A 424 -10.33 -11.26 10.90
N ILE A 425 -10.51 -10.20 10.13
CA ILE A 425 -10.91 -8.90 10.64
C ILE A 425 -12.25 -8.47 10.05
N ARG A 426 -12.94 -7.62 10.79
CA ARG A 426 -14.14 -6.96 10.30
C ARG A 426 -13.79 -5.48 10.24
N VAL A 427 -14.16 -4.84 9.14
CA VAL A 427 -13.91 -3.43 8.91
C VAL A 427 -15.23 -2.63 8.93
N TYR A 428 -15.26 -1.56 9.72
CA TYR A 428 -16.44 -0.68 9.81
C TYR A 428 -16.06 0.75 9.48
N ARG A 429 -17.03 1.54 9.00
CA ARG A 429 -16.80 2.96 8.68
C ARG A 429 -17.73 3.86 9.49
N ARG A 430 -17.14 4.84 10.16
CA ARG A 430 -17.87 5.82 10.93
C ARG A 430 -18.61 6.80 10.01
N ASP A 431 -19.92 6.94 10.21
CA ASP A 431 -20.72 7.94 9.47
C ASP A 431 -20.07 9.31 9.59
N GLY A 432 -19.98 10.01 8.47
CA GLY A 432 -19.52 11.39 8.46
C GLY A 432 -18.02 11.53 8.39
N PHE A 433 -17.32 10.40 8.37
CA PHE A 433 -15.88 10.38 8.26
C PHE A 433 -15.47 9.48 7.12
N GLY B 27 31.76 -19.18 7.73
CA GLY B 27 32.94 -18.50 7.10
C GLY B 27 32.55 -17.39 6.13
N THR B 28 32.18 -17.78 4.92
CA THR B 28 31.75 -16.83 3.89
C THR B 28 30.56 -17.38 3.12
N GLU B 29 29.83 -16.49 2.46
CA GLU B 29 28.71 -16.90 1.62
C GLU B 29 28.82 -16.25 0.24
N ILE B 30 28.65 -17.06 -0.79
CA ILE B 30 28.74 -16.61 -2.16
C ILE B 30 27.40 -16.02 -2.59
N VAL B 31 27.45 -14.80 -3.12
CA VAL B 31 26.25 -14.14 -3.62
C VAL B 31 26.44 -13.73 -5.06
N LYS B 32 25.33 -13.59 -5.78
CA LYS B 32 25.35 -13.18 -7.18
C LYS B 32 24.40 -12.01 -7.30
N PHE B 33 24.89 -10.93 -7.88
CA PHE B 33 24.16 -9.67 -7.99
C PHE B 33 24.75 -8.85 -9.14
N SER B 34 24.08 -7.76 -9.50
CA SER B 34 24.54 -6.96 -10.63
C SER B 34 25.06 -5.58 -10.20
N ILE B 35 26.07 -5.09 -10.92
CA ILE B 35 26.62 -3.75 -10.71
C ILE B 35 26.63 -2.95 -12.00
N HIS B 36 26.38 -1.65 -11.89
CA HIS B 36 26.32 -0.76 -13.02
C HIS B 36 26.88 0.58 -12.52
N PRO B 37 28.09 0.98 -12.98
CA PRO B 37 28.93 0.35 -13.98
C PRO B 37 29.81 -0.75 -13.38
N TYR B 38 30.34 -1.62 -14.23
CA TYR B 38 31.32 -2.58 -13.72
C TYR B 38 32.77 -2.14 -13.98
N LYS B 39 33.01 -1.44 -15.09
CA LYS B 39 34.37 -1.02 -15.43
C LYS B 39 34.96 -0.04 -14.42
N GLY B 40 36.10 -0.39 -13.86
CA GLY B 40 36.79 0.44 -12.84
C GLY B 40 36.21 0.31 -11.44
N THR B 41 35.14 -0.48 -11.29
CA THR B 41 34.42 -0.54 -10.02
C THR B 41 35.07 -1.45 -8.99
N VAL B 42 35.23 -0.93 -7.80
CA VAL B 42 35.79 -1.70 -6.70
C VAL B 42 34.78 -1.78 -5.55
N ILE B 43 34.69 -2.94 -4.92
CA ILE B 43 33.85 -3.09 -3.74
C ILE B 43 34.75 -3.42 -2.55
N ARG B 44 34.57 -2.69 -1.45
CA ARG B 44 35.38 -2.90 -0.27
C ARG B 44 34.50 -3.17 0.92
N LEU B 45 35.03 -3.93 1.87
CA LEU B 45 34.38 -4.14 3.15
C LEU B 45 35.46 -4.11 4.23
N GLY B 46 35.27 -3.26 5.23
CA GLY B 46 36.24 -3.10 6.30
C GLY B 46 37.55 -2.56 5.74
N GLU B 47 37.42 -1.71 4.73
CA GLU B 47 38.55 -1.06 4.03
C GLU B 47 39.50 -2.04 3.34
N GLU B 48 39.03 -3.27 3.17
CA GLU B 48 39.74 -4.27 2.38
C GLU B 48 38.92 -4.59 1.14
N ILE B 49 39.59 -5.06 0.08
CA ILE B 49 38.89 -5.41 -1.13
C ILE B 49 38.07 -6.68 -0.93
N LEU B 50 36.84 -6.64 -1.41
CA LEU B 50 36.05 -7.85 -1.57
C LEU B 50 36.10 -8.25 -3.04
N PRO B 51 36.87 -9.30 -3.36
CA PRO B 51 37.00 -9.68 -4.77
C PRO B 51 35.69 -10.23 -5.33
N PHE B 52 35.39 -9.87 -6.58
CA PHE B 52 34.25 -10.44 -7.29
C PHE B 52 34.67 -10.92 -8.67
N LYS B 53 33.97 -11.93 -9.17
CA LYS B 53 34.22 -12.53 -10.48
C LYS B 53 33.04 -12.15 -11.37
N VAL B 54 33.35 -11.64 -12.56
CA VAL B 54 32.31 -11.28 -13.54
C VAL B 54 31.73 -12.56 -14.14
N LEU B 55 30.41 -12.68 -14.11
CA LEU B 55 29.71 -13.84 -14.69
C LEU B 55 29.14 -13.54 -16.09
N GLU B 56 28.54 -12.36 -16.24
CA GLU B 56 27.91 -11.93 -17.48
C GLU B 56 28.16 -10.45 -17.62
N MET B 57 28.23 -9.99 -18.86
CA MET B 57 28.36 -8.55 -19.17
C MET B 57 27.25 -8.16 -20.13
N ASP B 58 26.60 -7.04 -19.85
CA ASP B 58 25.59 -6.49 -20.74
C ASP B 58 25.85 -5.00 -20.83
N LYS B 59 26.58 -4.61 -21.88
CA LYS B 59 27.15 -3.27 -21.96
C LYS B 59 27.84 -2.96 -20.62
N ASN B 60 27.38 -1.94 -19.90
CA ASN B 60 28.01 -1.52 -18.64
C ASN B 60 27.48 -2.22 -17.37
N ILE B 61 26.58 -3.20 -17.53
CA ILE B 61 26.02 -3.91 -16.38
C ILE B 61 26.63 -5.31 -16.29
N ALA B 62 27.18 -5.66 -15.13
CA ALA B 62 27.75 -7.00 -14.95
C ALA B 62 27.01 -7.76 -13.88
N LEU B 63 26.74 -9.03 -14.15
CA LEU B 63 26.32 -9.94 -13.10
C LEU B 63 27.61 -10.49 -12.53
N VAL B 64 27.78 -10.39 -11.22
CA VAL B 64 29.02 -10.77 -10.59
C VAL B 64 28.78 -11.77 -9.46
N GLU B 65 29.86 -12.41 -9.06
CA GLU B 65 29.86 -13.43 -8.04
C GLU B 65 30.87 -12.99 -6.98
N MSE B 66 30.47 -12.98 -5.72
CA MSE B 66 31.32 -12.46 -4.65
C MSE B 66 31.13 -13.26 -3.36
O MSE B 66 30.01 -13.54 -2.99
CB MSE B 66 30.99 -10.98 -4.45
CG MSE B 66 31.88 -10.25 -3.50
SE MSE B 66 31.51 -8.33 -3.58
CE MSE B 66 29.92 -8.21 -2.46
N ALA B 67 32.22 -13.62 -2.70
CA ALA B 67 32.16 -14.24 -1.38
C ALA B 67 32.06 -13.15 -0.34
N ILE B 68 31.12 -13.27 0.59
CA ILE B 68 30.92 -12.25 1.62
C ILE B 68 31.04 -12.88 3.01
N PRO B 69 31.90 -12.30 3.88
CA PRO B 69 32.03 -12.75 5.27
C PRO B 69 30.68 -12.85 5.99
N VAL B 70 30.48 -13.95 6.70
CA VAL B 70 29.36 -14.08 7.60
C VAL B 70 29.76 -13.47 8.96
N TYR B 71 29.33 -12.25 9.19
CA TYR B 71 29.66 -11.51 10.42
C TYR B 71 28.88 -12.05 11.61
N LYS B 72 29.53 -12.10 12.76
CA LYS B 72 28.89 -12.49 14.01
C LYS B 72 28.64 -11.23 14.87
N ASP B 73 28.16 -11.44 16.10
CA ASP B 73 28.08 -10.39 17.12
C ASP B 73 27.25 -9.18 16.68
N GLU B 74 26.25 -9.45 15.83
CA GLU B 74 25.32 -8.43 15.32
C GLU B 74 26.02 -7.32 14.53
N LYS B 75 27.12 -7.68 13.88
CA LYS B 75 27.89 -6.71 13.11
C LYS B 75 27.26 -6.49 11.74
N GLU B 76 27.10 -5.21 11.41
CA GLU B 76 26.51 -4.79 10.14
C GLU B 76 27.56 -4.84 9.03
N ILE B 77 27.17 -5.40 7.89
CA ILE B 77 28.01 -5.43 6.69
C ILE B 77 27.76 -4.16 5.87
N GLU B 78 28.77 -3.31 5.76
CA GLU B 78 28.65 -2.12 4.94
C GLU B 78 29.62 -2.18 3.76
N LEU B 79 29.08 -2.53 2.60
CA LEU B 79 29.89 -2.60 1.39
C LEU B 79 30.11 -1.18 0.93
N LYS B 80 31.31 -0.88 0.48
CA LYS B 80 31.61 0.43 -0.06
C LYS B 80 32.04 0.26 -1.51
N LEU B 81 31.26 0.85 -2.41
CA LEU B 81 31.51 0.73 -3.83
C LEU B 81 31.98 2.06 -4.38
N SER B 82 32.95 2.00 -5.28
CA SER B 82 33.51 3.20 -5.89
C SER B 82 33.98 2.89 -7.32
N SER B 83 33.98 3.90 -8.16
CA SER B 83 34.28 3.72 -9.59
C SER B 83 34.62 5.10 -10.13
N PRO B 84 35.62 5.18 -11.03
CA PRO B 84 36.00 6.49 -11.59
C PRO B 84 34.83 7.16 -12.31
N GLY B 85 34.61 8.44 -12.03
CA GLY B 85 33.51 9.18 -12.64
C GLY B 85 32.20 9.04 -11.89
N PHE B 86 32.19 8.24 -10.82
CA PHE B 86 30.97 8.01 -10.03
C PHE B 86 31.13 8.40 -8.55
N GLN B 87 30.02 8.75 -7.93
CA GLN B 87 29.99 8.99 -6.49
C GLN B 87 30.12 7.66 -5.71
N ASN B 88 30.82 7.71 -4.58
CA ASN B 88 30.91 6.55 -3.70
C ASN B 88 29.52 6.16 -3.18
N SER B 89 29.24 4.86 -3.12
CA SER B 89 28.00 4.35 -2.51
C SER B 89 28.29 3.38 -1.37
N SER B 90 27.52 3.50 -0.29
CA SER B 90 27.55 2.51 0.77
C SER B 90 26.28 1.69 0.71
N TYR B 91 26.45 0.38 0.77
CA TYR B 91 25.33 -0.54 0.70
C TYR B 91 25.39 -1.39 1.95
N ARG B 92 24.46 -1.15 2.87
CA ARG B 92 24.43 -1.80 4.18
C ARG B 92 23.49 -3.00 4.21
N ILE B 93 24.02 -4.16 4.56
CA ILE B 93 23.19 -5.35 4.65
C ILE B 93 23.32 -6.06 5.99
N ARG B 94 22.27 -6.81 6.33
CA ARG B 94 22.18 -7.54 7.57
C ARG B 94 22.89 -8.88 7.39
N LYS B 95 22.56 -9.55 6.29
CA LYS B 95 23.13 -10.85 5.96
C LYS B 95 23.54 -10.87 4.47
N PRO B 96 24.59 -11.65 4.12
CA PRO B 96 25.04 -11.79 2.74
C PRO B 96 23.92 -12.00 1.72
N GLU B 97 23.01 -12.93 2.00
CA GLU B 97 21.93 -13.30 1.09
C GLU B 97 20.98 -12.15 0.67
N GLU B 98 20.94 -11.07 1.46
CA GLU B 98 20.14 -9.88 1.11
C GLU B 98 20.62 -9.26 -0.20
N LEU B 99 21.89 -9.50 -0.55
CA LEU B 99 22.43 -8.99 -1.79
C LEU B 99 22.03 -9.79 -3.05
N ASN B 100 21.60 -11.03 -2.86
CA ASN B 100 21.30 -11.90 -4.00
C ASN B 100 20.26 -11.29 -4.96
N GLU B 101 20.59 -11.26 -6.24
CA GLU B 101 19.69 -10.79 -7.31
C GLU B 101 19.40 -9.26 -7.31
N LYS B 102 20.12 -8.50 -6.49
CA LYS B 102 19.97 -7.04 -6.46
C LYS B 102 20.70 -6.39 -7.62
N LEU B 103 20.37 -5.12 -7.87
CA LEU B 103 21.16 -4.30 -8.75
C LEU B 103 21.64 -3.10 -7.96
N ILE B 104 22.95 -2.94 -7.93
CA ILE B 104 23.57 -1.74 -7.40
C ILE B 104 24.04 -0.88 -8.56
N ALA B 105 23.36 0.25 -8.76
CA ALA B 105 23.72 1.22 -9.77
C ALA B 105 24.31 2.44 -9.08
N LEU B 106 25.56 2.75 -9.42
CA LEU B 106 26.22 3.92 -8.85
C LEU B 106 25.74 5.21 -9.49
N ASP B 107 25.87 6.30 -8.74
CA ASP B 107 25.47 7.60 -9.23
C ASP B 107 26.65 8.33 -9.85
N LYS B 108 26.43 8.79 -11.09
CA LYS B 108 27.39 9.56 -11.86
C LYS B 108 27.76 10.82 -11.09
N GLU B 109 29.03 11.19 -11.08
CA GLU B 109 29.48 12.41 -10.42
C GLU B 109 28.68 13.62 -10.90
N GLY B 110 28.22 14.44 -9.96
CA GLY B 110 27.54 15.69 -10.27
C GLY B 110 26.02 15.64 -10.29
N ILE B 111 25.46 14.45 -10.46
CA ILE B 111 24.01 14.35 -10.59
C ILE B 111 23.32 14.47 -9.23
N THR B 112 22.07 14.93 -9.24
CA THR B 112 21.35 15.29 -8.02
C THR B 112 20.11 14.42 -7.84
N HIS B 113 20.09 13.28 -8.54
CA HIS B 113 19.06 12.28 -8.41
C HIS B 113 19.76 10.96 -8.14
N ARG B 114 19.48 10.35 -6.99
CA ARG B 114 20.25 9.18 -6.54
C ARG B 114 19.46 7.89 -6.76
N PHE B 115 20.14 6.87 -7.30
CA PHE B 115 19.54 5.55 -7.46
C PHE B 115 19.21 4.99 -6.09
N ILE B 116 17.98 4.52 -5.94
CA ILE B 116 17.53 3.98 -4.68
C ILE B 116 17.31 2.48 -4.86
N SER B 117 16.57 2.09 -5.90
CA SER B 117 16.11 0.72 -6.04
C SER B 117 15.91 0.29 -7.50
N ARG B 118 16.09 -1.01 -7.75
CA ARG B 118 15.57 -1.67 -8.95
C ARG B 118 14.50 -2.65 -8.48
N PHE B 119 13.30 -2.56 -9.06
CA PHE B 119 12.26 -3.56 -8.81
C PHE B 119 11.86 -4.25 -10.09
N LYS B 120 11.86 -5.58 -10.08
CA LYS B 120 11.42 -6.34 -11.23
C LYS B 120 9.91 -6.23 -11.38
N THR B 121 9.44 -6.23 -12.63
CA THR B 121 8.02 -6.16 -12.92
C THR B 121 7.64 -7.34 -13.83
N GLY B 122 6.40 -7.35 -14.32
CA GLY B 122 6.02 -8.29 -15.38
C GLY B 122 6.67 -7.87 -16.68
N PHE B 123 6.47 -8.66 -17.73
CA PHE B 123 7.17 -8.48 -19.00
C PHE B 123 6.78 -7.22 -19.76
N GLN B 124 7.79 -6.46 -20.15
CA GLN B 124 7.64 -5.25 -20.98
C GLN B 124 6.81 -4.14 -20.34
N PRO B 125 7.28 -3.59 -19.20
CA PRO B 125 6.57 -2.46 -18.57
C PRO B 125 6.62 -1.20 -19.43
N LYS B 126 5.54 -0.94 -20.15
CA LYS B 126 5.47 0.11 -21.18
C LYS B 126 5.36 1.54 -20.63
N SER B 127 4.76 1.70 -19.45
CA SER B 127 4.64 3.03 -18.83
C SER B 127 4.59 2.89 -17.32
N VAL B 128 4.83 3.99 -16.61
CA VAL B 128 4.66 4.02 -15.16
C VAL B 128 3.90 5.30 -14.81
N ARG B 129 3.04 5.20 -13.81
CA ARG B 129 2.32 6.38 -13.34
C ARG B 129 2.16 6.29 -11.83
N PHE B 130 2.62 7.31 -11.11
CA PHE B 130 2.34 7.43 -9.69
C PHE B 130 0.86 7.69 -9.44
N ILE B 131 0.24 6.83 -8.63
CA ILE B 131 -1.17 6.99 -8.26
C ILE B 131 -1.31 7.59 -6.85
N ASP B 132 -0.20 7.62 -6.12
CA ASP B 132 -0.05 8.41 -4.91
C ASP B 132 1.44 8.66 -4.71
N ASN B 133 1.87 8.93 -3.47
CA ASN B 133 3.26 9.30 -3.22
C ASN B 133 4.27 8.18 -3.54
N THR B 134 3.86 6.91 -3.43
CA THR B 134 4.83 5.80 -3.59
C THR B 134 4.35 4.58 -4.37
N ARG B 135 3.12 4.60 -4.86
CA ARG B 135 2.61 3.47 -5.64
C ARG B 135 2.45 3.83 -7.11
N LEU B 136 2.82 2.88 -7.95
CA LEU B 136 2.90 3.08 -9.38
C LEU B 136 1.99 2.11 -10.09
N ALA B 137 1.34 2.57 -11.15
CA ALA B 137 0.57 1.69 -12.03
C ALA B 137 1.39 1.51 -13.30
N ILE B 138 1.62 0.24 -13.67
CA ILE B 138 2.62 -0.12 -14.67
C ILE B 138 2.03 -1.14 -15.66
N PRO B 139 1.43 -0.65 -16.77
CA PRO B 139 0.92 -1.56 -17.81
C PRO B 139 2.01 -2.39 -18.43
N LEU B 140 1.74 -3.67 -18.65
CA LEU B 140 2.73 -4.62 -19.14
C LEU B 140 2.37 -5.03 -20.56
N LEU B 141 3.23 -4.70 -21.51
CA LEU B 141 2.89 -4.95 -22.92
C LEU B 141 2.87 -6.43 -23.26
N GLU B 142 3.57 -7.23 -22.48
CA GLU B 142 3.77 -8.64 -22.77
C GLU B 142 3.32 -9.50 -21.59
N ASP B 143 2.31 -9.01 -20.87
CA ASP B 143 1.79 -9.71 -19.71
C ASP B 143 0.28 -9.45 -19.53
N GLU B 144 -0.33 -10.15 -18.59
CA GLU B 144 -1.79 -10.27 -18.49
C GLU B 144 -2.47 -9.15 -17.71
N GLY B 145 -1.83 -7.99 -17.66
CA GLY B 145 -2.46 -6.81 -17.09
C GLY B 145 -1.47 -5.74 -16.68
N MSE B 146 -1.59 -5.29 -15.45
CA MSE B 146 -0.92 -4.09 -15.01
C MSE B 146 -0.43 -4.31 -13.58
O MSE B 146 -1.21 -4.74 -12.73
CB MSE B 146 -1.93 -2.94 -15.11
CG MSE B 146 -1.52 -1.65 -14.48
SE MSE B 146 -2.84 -0.23 -14.67
CE MSE B 146 -4.38 -0.99 -13.76
N ASP B 147 0.84 -4.04 -13.31
CA ASP B 147 1.36 -4.15 -11.96
C ASP B 147 1.08 -2.87 -11.19
N VAL B 148 0.67 -3.02 -9.94
CA VAL B 148 0.59 -1.90 -9.02
C VAL B 148 1.62 -2.18 -7.92
N LEU B 149 2.64 -1.34 -7.87
CA LEU B 149 3.88 -1.60 -7.17
C LEU B 149 4.16 -0.44 -6.19
N ASP B 150 4.44 -0.77 -4.94
CA ASP B 150 4.82 0.23 -3.93
C ASP B 150 6.33 0.31 -3.94
N ILE B 151 6.89 1.48 -4.28
CA ILE B 151 8.36 1.62 -4.37
C ILE B 151 9.07 1.68 -3.03
N ASN B 152 8.32 1.83 -1.94
CA ASN B 152 8.88 1.71 -0.60
C ASN B 152 9.42 0.30 -0.34
N SER B 153 8.67 -0.71 -0.77
CA SER B 153 8.95 -2.09 -0.39
C SER B 153 9.14 -3.06 -1.57
N GLY B 154 8.72 -2.62 -2.76
CA GLY B 154 8.62 -3.50 -3.91
C GLY B 154 7.36 -4.35 -3.92
N GLN B 155 6.50 -4.17 -2.92
CA GLN B 155 5.27 -4.95 -2.84
C GLN B 155 4.45 -4.69 -4.11
N THR B 156 3.98 -5.76 -4.73
CA THR B 156 3.31 -5.63 -6.03
C THR B 156 2.04 -6.51 -6.11
N VAL B 157 1.02 -5.99 -6.78
CA VAL B 157 -0.17 -6.78 -7.12
C VAL B 157 -0.50 -6.52 -8.60
N ARG B 158 -0.91 -7.57 -9.31
CA ARG B 158 -1.29 -7.44 -10.71
C ARG B 158 -2.78 -7.28 -10.86
N LEU B 159 -3.15 -6.21 -11.56
CA LEU B 159 -4.53 -5.97 -11.90
C LEU B 159 -4.76 -6.46 -13.33
N SER B 160 -5.85 -7.19 -13.53
CA SER B 160 -6.13 -7.83 -14.82
C SER B 160 -7.62 -7.67 -15.15
N PRO B 161 -7.95 -7.45 -16.44
CA PRO B 161 -9.33 -7.54 -16.89
C PRO B 161 -9.76 -9.02 -16.93
N PRO B 162 -11.04 -9.30 -17.30
CA PRO B 162 -11.49 -10.70 -17.49
C PRO B 162 -10.63 -11.53 -18.46
N GLU B 163 -10.70 -12.85 -18.31
CA GLU B 163 -9.92 -13.82 -19.09
C GLU B 163 -9.87 -13.57 -20.59
N LYS B 164 -11.03 -13.33 -21.18
CA LYS B 164 -11.13 -13.08 -22.62
C LYS B 164 -10.32 -11.86 -23.07
N TYR B 165 -10.11 -10.90 -22.18
CA TYR B 165 -9.24 -9.75 -22.46
C TYR B 165 -7.77 -9.99 -22.09
N LYS B 166 -7.52 -10.37 -20.83
CA LYS B 166 -6.14 -10.44 -20.30
C LYS B 166 -5.16 -11.30 -21.10
N LYS B 167 -5.65 -12.38 -21.69
CA LYS B 167 -4.81 -13.33 -22.42
C LYS B 167 -4.15 -12.73 -23.68
N LYS B 168 -4.70 -11.61 -24.16
CA LYS B 168 -4.25 -10.93 -25.38
C LYS B 168 -3.09 -9.96 -25.11
N LEU B 169 -2.81 -9.70 -23.83
CA LEU B 169 -1.65 -8.93 -23.39
C LEU B 169 -1.70 -7.51 -23.92
N GLY B 170 -0.55 -6.86 -24.06
CA GLY B 170 -0.50 -5.54 -24.70
C GLY B 170 -1.16 -4.40 -23.96
N PHE B 171 -0.91 -4.29 -22.66
CA PHE B 171 -1.37 -3.16 -21.89
C PHE B 171 -0.34 -2.04 -21.99
N VAL B 172 -0.82 -0.82 -22.22
CA VAL B 172 0.05 0.27 -22.70
C VAL B 172 0.22 1.47 -21.77
N GLU B 173 -0.85 2.24 -21.55
CA GLU B 173 -0.80 3.51 -20.81
C GLU B 173 -1.94 3.60 -19.80
N THR B 174 -1.86 4.56 -18.89
CA THR B 174 -2.88 4.77 -17.86
C THR B 174 -3.27 6.24 -17.77
N ILE B 175 -4.43 6.48 -17.16
CA ILE B 175 -4.73 7.75 -16.47
C ILE B 175 -5.33 7.40 -15.12
N SER B 176 -5.11 8.24 -14.14
CA SER B 176 -5.71 8.06 -12.83
C SER B 176 -6.68 9.20 -12.64
N ILE B 177 -7.89 8.87 -12.22
CA ILE B 177 -8.94 9.87 -12.06
C ILE B 177 -9.37 9.78 -10.60
N PRO B 178 -8.64 10.49 -9.70
CA PRO B 178 -8.84 10.41 -8.25
C PRO B 178 -10.22 10.92 -7.82
N GLU B 179 -10.70 11.99 -8.46
CA GLU B 179 -12.01 12.55 -8.16
C GLU B 179 -13.16 11.52 -8.34
N HIS B 180 -12.94 10.55 -9.23
CA HIS B 180 -13.95 9.51 -9.49
C HIS B 180 -13.49 8.12 -9.07
N ASN B 181 -12.36 8.07 -8.36
CA ASN B 181 -11.85 6.85 -7.77
C ASN B 181 -11.68 5.78 -8.84
N GLU B 182 -11.12 6.17 -9.98
CA GLU B 182 -10.88 5.25 -11.09
C GLU B 182 -9.45 5.28 -11.61
N LEU B 183 -8.98 4.11 -12.06
CA LEU B 183 -7.69 3.95 -12.72
C LEU B 183 -7.98 3.31 -14.07
N TRP B 184 -7.67 4.04 -15.13
CA TRP B 184 -7.95 3.56 -16.49
C TRP B 184 -6.67 3.05 -17.13
N VAL B 185 -6.76 1.99 -17.93
CA VAL B 185 -5.60 1.43 -18.64
C VAL B 185 -6.00 0.93 -20.03
N SER B 186 -5.25 1.36 -21.05
CA SER B 186 -5.52 0.92 -22.42
C SER B 186 -4.89 -0.43 -22.74
N GLN B 187 -5.57 -1.18 -23.59
CA GLN B 187 -5.06 -2.48 -24.07
C GLN B 187 -5.10 -2.49 -25.60
N MSE B 188 -3.95 -2.25 -26.22
CA MSE B 188 -3.88 -2.08 -27.66
C MSE B 188 -4.30 -3.33 -28.44
O MSE B 188 -5.00 -3.25 -29.44
CB MSE B 188 -2.48 -1.63 -28.07
CG MSE B 188 -1.38 -2.63 -27.82
SE MSE B 188 0.35 -1.94 -28.40
CE MSE B 188 -0.09 -1.47 -30.21
N GLN B 189 -3.86 -4.49 -27.95
CA GLN B 189 -4.13 -5.79 -28.58
C GLN B 189 -5.62 -6.21 -28.55
N ALA B 190 -6.41 -5.53 -27.71
CA ALA B 190 -7.81 -5.84 -27.53
C ALA B 190 -8.72 -4.68 -27.94
N ASN B 191 -8.11 -3.59 -28.41
CA ASN B 191 -8.83 -2.35 -28.73
C ASN B 191 -9.80 -1.99 -27.61
N ALA B 192 -9.28 -1.96 -26.39
CA ALA B 192 -10.13 -1.81 -25.21
C ALA B 192 -9.46 -0.90 -24.20
N VAL B 193 -10.29 -0.23 -23.40
CA VAL B 193 -9.79 0.50 -22.23
C VAL B 193 -10.49 -0.05 -20.99
N HIS B 194 -9.68 -0.46 -20.00
CA HIS B 194 -10.22 -1.07 -18.79
C HIS B 194 -10.22 -0.11 -17.62
N VAL B 195 -11.24 -0.25 -16.75
CA VAL B 195 -11.31 0.63 -15.61
C VAL B 195 -11.26 -0.17 -14.30
N PHE B 196 -10.45 0.30 -13.38
CA PHE B 196 -10.33 -0.29 -12.05
C PHE B 196 -10.70 0.73 -11.00
N ASP B 197 -11.20 0.23 -9.88
CA ASP B 197 -11.42 1.04 -8.70
C ASP B 197 -10.05 1.41 -8.11
N LEU B 198 -9.84 2.70 -7.88
CA LEU B 198 -8.52 3.16 -7.46
C LEU B 198 -8.17 2.78 -6.01
N LYS B 199 -9.20 2.64 -5.16
CA LYS B 199 -9.05 2.23 -3.76
C LYS B 199 -8.93 0.73 -3.62
N THR B 200 -9.93 0.01 -4.12
CA THR B 200 -9.99 -1.44 -3.92
C THR B 200 -9.13 -2.24 -4.89
N LEU B 201 -8.72 -1.57 -5.99
CA LEU B 201 -7.96 -2.18 -7.08
C LEU B 201 -8.75 -3.23 -7.87
N ALA B 202 -10.06 -3.29 -7.63
CA ALA B 202 -10.94 -4.24 -8.28
C ALA B 202 -11.24 -3.82 -9.72
N TYR B 203 -11.37 -4.80 -10.60
CA TYR B 203 -11.82 -4.57 -11.96
C TYR B 203 -13.26 -4.05 -11.96
N LYS B 204 -13.50 -2.98 -12.73
CA LYS B 204 -14.77 -2.27 -12.73
C LYS B 204 -15.50 -2.43 -14.05
N ALA B 205 -14.82 -2.16 -15.17
CA ALA B 205 -15.46 -2.15 -16.48
C ALA B 205 -14.46 -2.13 -17.63
N THR B 206 -14.94 -2.43 -18.83
CA THR B 206 -14.16 -2.37 -20.06
C THR B 206 -14.93 -1.54 -21.09
N VAL B 207 -14.22 -0.63 -21.74
CA VAL B 207 -14.75 0.15 -22.84
C VAL B 207 -14.22 -0.50 -24.08
N ASP B 208 -15.10 -1.10 -24.88
CA ASP B 208 -14.70 -1.62 -26.18
C ASP B 208 -14.72 -0.49 -27.22
N LEU B 209 -13.55 -0.25 -27.79
CA LEU B 209 -13.38 0.82 -28.75
C LEU B 209 -13.60 0.29 -30.18
N THR B 210 -13.79 1.21 -31.11
CA THR B 210 -14.02 0.84 -32.50
C THR B 210 -12.84 1.25 -33.36
N GLY B 211 -11.82 1.85 -32.73
CA GLY B 211 -10.54 2.09 -33.39
C GLY B 211 -9.66 0.87 -33.27
N LYS B 212 -8.39 1.00 -33.67
CA LYS B 212 -7.47 -0.15 -33.64
C LYS B 212 -6.15 0.22 -32.99
N TRP B 213 -5.71 -0.60 -32.04
CA TRP B 213 -4.44 -0.41 -31.30
C TRP B 213 -4.43 0.84 -30.45
N SER B 214 -5.30 0.86 -29.44
CA SER B 214 -5.45 1.98 -28.52
C SER B 214 -4.22 2.12 -27.60
N LYS B 215 -3.79 3.36 -27.37
CA LYS B 215 -2.57 3.58 -26.58
C LYS B 215 -2.75 4.67 -25.53
N ILE B 216 -2.46 5.91 -25.90
CA ILE B 216 -2.49 7.03 -24.94
C ILE B 216 -3.89 7.40 -24.52
N LEU B 217 -4.05 7.57 -23.21
CA LEU B 217 -5.30 8.02 -22.63
C LEU B 217 -5.11 9.44 -22.16
N LEU B 218 -6.14 10.26 -22.34
CA LEU B 218 -6.17 11.61 -21.78
C LEU B 218 -7.54 11.86 -21.15
N TYR B 219 -7.56 12.43 -19.94
CA TYR B 219 -8.82 12.82 -19.27
C TYR B 219 -9.10 14.31 -19.37
N ASP B 220 -10.35 14.62 -19.71
CA ASP B 220 -10.86 15.98 -19.88
C ASP B 220 -11.83 16.17 -18.71
N PRO B 221 -11.38 16.85 -17.64
CA PRO B 221 -12.18 16.86 -16.40
C PRO B 221 -13.41 17.76 -16.48
N ILE B 222 -13.45 18.61 -17.51
CA ILE B 222 -14.57 19.52 -17.72
C ILE B 222 -15.71 18.84 -18.47
N ARG B 223 -15.39 18.17 -19.57
CA ARG B 223 -16.39 17.46 -20.37
C ARG B 223 -16.66 16.05 -19.81
N ASP B 224 -15.83 15.63 -18.86
CA ASP B 224 -15.87 14.30 -18.24
C ASP B 224 -15.75 13.23 -19.33
N LEU B 225 -14.74 13.42 -20.18
CA LEU B 225 -14.47 12.51 -21.30
C LEU B 225 -13.02 12.00 -21.29
N VAL B 226 -12.83 10.79 -21.81
CA VAL B 226 -11.50 10.20 -21.93
C VAL B 226 -11.22 10.04 -23.42
N TYR B 227 -10.08 10.56 -23.87
CA TYR B 227 -9.64 10.43 -25.26
C TYR B 227 -8.58 9.36 -25.36
N CYS B 228 -8.65 8.56 -26.41
CA CYS B 228 -7.71 7.47 -26.60
C CYS B 228 -7.13 7.47 -28.02
N SER B 229 -5.82 7.57 -28.11
CA SER B 229 -5.08 7.54 -29.38
C SER B 229 -5.02 6.12 -29.92
N ASN B 230 -5.63 5.93 -31.09
CA ASN B 230 -5.57 4.64 -31.75
C ASN B 230 -4.50 4.65 -32.83
N TRP B 231 -3.49 3.81 -32.64
CA TRP B 231 -2.33 3.72 -33.53
C TRP B 231 -2.68 3.28 -34.97
N ILE B 232 -3.26 2.09 -35.12
CA ILE B 232 -3.50 1.49 -36.43
C ILE B 232 -4.61 2.16 -37.23
N SER B 233 -5.67 2.60 -36.55
CA SER B 233 -6.80 3.29 -37.20
C SER B 233 -6.60 4.79 -37.39
N GLU B 234 -5.52 5.32 -36.81
CA GLU B 234 -5.09 6.72 -37.07
C GLU B 234 -6.11 7.77 -36.62
N ASP B 235 -6.77 7.49 -35.51
CA ASP B 235 -7.83 8.35 -34.99
C ASP B 235 -7.86 8.27 -33.47
N ILE B 236 -8.75 9.06 -32.88
CA ILE B 236 -8.92 9.19 -31.43
C ILE B 236 -10.34 8.82 -31.01
N SER B 237 -10.46 7.86 -30.10
CA SER B 237 -11.75 7.47 -29.55
C SER B 237 -12.17 8.41 -28.41
N VAL B 238 -13.44 8.79 -28.38
CA VAL B 238 -13.93 9.67 -27.34
C VAL B 238 -14.86 8.84 -26.46
N ILE B 239 -14.53 8.78 -25.17
CA ILE B 239 -15.20 7.88 -24.23
C ILE B 239 -15.91 8.69 -23.16
N ASP B 240 -17.21 8.43 -22.97
CA ASP B 240 -17.94 9.02 -21.86
C ASP B 240 -17.40 8.37 -20.59
N ARG B 241 -16.75 9.17 -19.76
CA ARG B 241 -16.09 8.64 -18.56
C ARG B 241 -17.11 7.98 -17.62
N LYS B 242 -18.26 8.63 -17.44
CA LYS B 242 -19.35 8.14 -16.59
C LYS B 242 -19.92 6.81 -17.09
N THR B 243 -20.31 6.78 -18.36
CA THR B 243 -21.00 5.62 -18.89
C THR B 243 -20.10 4.49 -19.40
N LYS B 244 -18.79 4.74 -19.49
CA LYS B 244 -17.80 3.73 -19.95
C LYS B 244 -18.10 3.19 -21.36
N LEU B 245 -18.53 4.09 -22.23
CA LEU B 245 -18.86 3.77 -23.61
C LEU B 245 -18.17 4.78 -24.51
N GLU B 246 -17.64 4.28 -25.62
CA GLU B 246 -17.09 5.13 -26.68
C GLU B 246 -18.30 5.80 -27.36
N ILE B 247 -18.34 7.13 -27.34
CA ILE B 247 -19.48 7.88 -27.86
C ILE B 247 -19.26 8.42 -29.28
N ARG B 248 -17.99 8.61 -29.64
CA ARG B 248 -17.60 8.99 -31.02
C ARG B 248 -16.10 8.81 -31.23
N LYS B 249 -15.67 8.99 -32.47
CA LYS B 249 -14.29 8.77 -32.87
C LYS B 249 -14.01 9.80 -33.95
N THR B 250 -12.83 10.44 -33.88
CA THR B 250 -12.43 11.40 -34.92
C THR B 250 -12.26 10.69 -36.27
N ASP B 251 -12.19 11.49 -37.35
CA ASP B 251 -11.68 10.97 -38.62
C ASP B 251 -10.17 10.73 -38.48
N LYS B 252 -9.52 10.27 -39.55
CA LYS B 252 -8.07 10.07 -39.55
C LYS B 252 -7.34 11.40 -39.34
N ILE B 253 -6.45 11.44 -38.35
CA ILE B 253 -5.73 12.68 -37.97
C ILE B 253 -4.19 12.57 -37.94
N GLY B 254 -3.64 11.67 -38.74
CA GLY B 254 -2.23 11.29 -38.62
C GLY B 254 -2.14 10.02 -37.80
N LEU B 255 -0.94 9.48 -37.62
CA LEU B 255 -0.73 8.35 -36.71
C LEU B 255 -0.43 8.94 -35.31
N PRO B 256 -1.42 8.92 -34.39
CA PRO B 256 -1.35 9.64 -33.12
C PRO B 256 -0.67 8.85 -32.01
N ARG B 257 0.04 9.54 -31.13
CA ARG B 257 0.41 8.91 -29.87
C ARG B 257 0.04 9.82 -28.71
N GLY B 258 0.96 10.70 -28.32
CA GLY B 258 0.73 11.62 -27.21
C GLY B 258 -0.42 12.57 -27.44
N LEU B 259 -1.08 12.96 -26.35
CA LEU B 259 -2.20 13.89 -26.39
C LEU B 259 -2.09 14.88 -25.25
N LEU B 260 -2.53 16.11 -25.51
CA LEU B 260 -2.63 17.14 -24.48
C LEU B 260 -3.72 18.14 -24.86
N LEU B 261 -4.55 18.48 -23.89
CA LEU B 261 -5.68 19.37 -24.16
C LEU B 261 -5.27 20.81 -23.91
N SER B 262 -5.73 21.71 -24.81
CA SER B 262 -5.50 23.14 -24.63
C SER B 262 -6.14 23.59 -23.33
N LYS B 263 -5.57 24.64 -22.72
CA LYS B 263 -6.03 25.13 -21.42
C LYS B 263 -7.52 25.53 -21.39
N ASP B 264 -8.02 26.06 -22.51
CA ASP B 264 -9.42 26.44 -22.64
C ASP B 264 -10.32 25.31 -23.20
N GLY B 265 -9.74 24.13 -23.41
CA GLY B 265 -10.48 22.96 -23.88
C GLY B 265 -10.86 22.97 -25.37
N LYS B 266 -10.50 24.04 -26.08
CA LYS B 266 -10.97 24.25 -27.46
C LYS B 266 -10.17 23.48 -28.50
N GLU B 267 -8.93 23.12 -28.15
CA GLU B 267 -8.02 22.44 -29.07
C GLU B 267 -7.38 21.21 -28.43
N LEU B 268 -7.27 20.16 -29.22
CA LEU B 268 -6.57 18.95 -28.80
C LEU B 268 -5.26 18.87 -29.57
N TYR B 269 -4.14 18.89 -28.85
CA TYR B 269 -2.83 18.74 -29.49
C TYR B 269 -2.52 17.26 -29.62
N ILE B 270 -2.21 16.86 -30.85
CA ILE B 270 -1.93 15.46 -31.18
C ILE B 270 -0.49 15.29 -31.64
N ALA B 271 0.28 14.50 -30.89
CA ALA B 271 1.65 14.16 -31.29
C ALA B 271 1.54 13.12 -32.36
N GLN B 272 1.84 13.50 -33.60
CA GLN B 272 1.79 12.55 -34.68
C GLN B 272 3.12 11.81 -34.75
N PHE B 273 3.09 10.51 -34.50
CA PHE B 273 4.28 9.68 -34.58
C PHE B 273 4.70 9.53 -36.05
N SER B 274 3.72 9.50 -36.94
CA SER B 274 3.97 9.67 -38.37
C SER B 274 2.74 10.23 -39.09
N ALA B 275 2.89 10.55 -40.37
CA ALA B 275 1.76 11.05 -41.16
C ALA B 275 0.65 10.00 -41.27
N SER B 276 1.04 8.73 -41.29
CA SER B 276 0.10 7.61 -41.41
C SER B 276 0.89 6.32 -41.28
N ASN B 277 0.20 5.18 -41.21
CA ASN B 277 0.88 3.87 -41.13
C ASN B 277 1.65 3.46 -42.41
N GLN B 278 1.39 4.13 -43.52
CA GLN B 278 2.11 3.88 -44.78
C GLN B 278 3.45 4.62 -44.84
N GLU B 279 3.66 5.59 -43.94
CA GLU B 279 4.84 6.45 -43.94
C GLU B 279 5.64 6.25 -42.64
N SER B 280 6.97 6.35 -42.75
CA SER B 280 7.85 6.09 -41.59
C SER B 280 8.13 7.35 -40.75
N GLY B 281 7.75 8.50 -41.29
CA GLY B 281 7.94 9.78 -40.61
C GLY B 281 6.89 10.76 -41.06
N GLY B 282 7.23 12.03 -41.06
CA GLY B 282 6.33 13.07 -41.57
C GLY B 282 5.25 13.48 -40.60
N GLY B 283 5.42 13.10 -39.33
CA GLY B 283 4.51 13.54 -38.28
C GLY B 283 4.83 14.91 -37.76
N ARG B 284 3.80 15.66 -37.37
CA ARG B 284 3.94 16.98 -36.78
C ARG B 284 3.05 17.08 -35.55
N LEU B 285 3.08 18.23 -34.88
CA LEU B 285 2.15 18.49 -33.81
C LEU B 285 0.82 18.90 -34.44
N GLY B 286 -0.18 18.03 -34.32
CA GLY B 286 -1.51 18.32 -34.81
C GLY B 286 -2.27 19.20 -33.84
N ILE B 287 -2.98 20.17 -34.38
CA ILE B 287 -3.90 20.97 -33.59
C ILE B 287 -5.30 20.62 -34.08
N TYR B 288 -6.03 19.90 -33.24
CA TYR B 288 -7.35 19.44 -33.59
C TYR B 288 -8.37 20.38 -32.96
N SER B 289 -9.22 20.99 -33.79
CA SER B 289 -10.29 21.83 -33.28
C SER B 289 -11.48 21.01 -32.76
N MSE B 290 -11.73 21.12 -31.45
CA MSE B 290 -12.83 20.41 -30.80
C MSE B 290 -14.21 20.79 -31.36
O MSE B 290 -15.08 19.95 -31.53
CB MSE B 290 -12.79 20.63 -29.28
CG MSE B 290 -11.57 20.03 -28.58
SE MSE B 290 -11.43 18.11 -28.84
CE MSE B 290 -13.18 17.61 -28.13
N ASP B 291 -14.39 22.07 -31.65
CA ASP B 291 -15.64 22.59 -32.18
C ASP B 291 -15.88 22.18 -33.64
N LYS B 292 -14.84 22.27 -34.45
CA LYS B 292 -14.91 21.93 -35.89
C LYS B 292 -14.75 20.44 -36.18
N GLU B 293 -14.28 19.70 -35.16
CA GLU B 293 -13.98 18.27 -35.28
C GLU B 293 -13.09 18.00 -36.52
N LYS B 294 -12.02 18.78 -36.62
CA LYS B 294 -11.06 18.69 -37.73
C LYS B 294 -9.69 19.19 -37.28
N LEU B 295 -8.63 18.70 -37.90
CA LEU B 295 -7.29 19.28 -37.71
C LEU B 295 -7.27 20.64 -38.38
N ILE B 296 -7.04 21.69 -37.60
CA ILE B 296 -6.90 23.02 -38.19
C ILE B 296 -5.47 23.32 -38.67
N ASP B 297 -4.47 22.76 -37.97
CA ASP B 297 -3.05 22.93 -38.37
C ASP B 297 -2.19 21.73 -37.99
N THR B 298 -1.03 21.61 -38.63
CA THR B 298 0.05 20.73 -38.18
C THR B 298 1.34 21.54 -38.20
N ILE B 299 1.97 21.68 -37.03
CA ILE B 299 3.10 22.58 -36.86
C ILE B 299 4.40 21.89 -36.39
N GLY B 300 5.50 22.61 -36.57
CA GLY B 300 6.84 22.09 -36.28
C GLY B 300 7.35 21.26 -37.44
N PRO B 301 8.65 20.90 -37.39
CA PRO B 301 9.26 20.11 -38.44
C PRO B 301 8.74 18.68 -38.43
N PRO B 302 8.84 17.98 -39.58
CA PRO B 302 8.43 16.59 -39.66
C PRO B 302 9.31 15.62 -38.85
N GLY B 303 8.68 14.65 -38.20
CA GLY B 303 9.39 13.64 -37.45
C GLY B 303 8.48 12.57 -36.90
N ASN B 304 8.80 12.13 -35.69
CA ASN B 304 7.99 11.17 -34.99
C ASN B 304 7.69 11.75 -33.63
N LYS B 305 6.66 12.59 -33.56
CA LYS B 305 6.29 13.20 -32.29
C LYS B 305 5.71 12.11 -31.40
N ARG B 306 6.09 12.11 -30.13
CA ARG B 306 5.83 10.98 -29.26
C ARG B 306 5.01 11.43 -28.06
N HIS B 307 5.65 12.12 -27.12
CA HIS B 307 4.99 12.55 -25.89
C HIS B 307 4.78 14.06 -25.85
N ILE B 308 3.67 14.50 -25.24
CA ILE B 308 3.42 15.94 -25.07
C ILE B 308 3.06 16.24 -23.63
N VAL B 309 3.77 17.18 -23.01
CA VAL B 309 3.34 17.68 -21.69
C VAL B 309 3.33 19.20 -21.67
N SER B 310 2.53 19.76 -20.77
CA SER B 310 2.57 21.17 -20.46
C SER B 310 3.89 21.53 -19.80
N GLY B 311 4.41 22.70 -20.18
CA GLY B 311 5.58 23.26 -19.54
C GLY B 311 5.19 24.06 -18.31
N ASN B 312 6.17 24.78 -17.77
CA ASN B 312 6.01 25.51 -16.51
C ASN B 312 5.37 26.89 -16.68
N THR B 313 5.28 27.33 -17.93
CA THR B 313 4.59 28.58 -18.26
C THR B 313 3.40 28.33 -19.21
N GLU B 314 2.40 29.21 -19.12
CA GLU B 314 1.10 28.99 -19.80
C GLU B 314 1.21 28.70 -21.31
N ASN B 315 2.14 29.41 -21.95
CA ASN B 315 2.32 29.33 -23.39
C ASN B 315 3.20 28.16 -23.88
N LYS B 316 3.71 27.38 -22.93
CA LYS B 316 4.77 26.39 -23.23
C LYS B 316 4.31 24.93 -23.20
N ILE B 317 4.68 24.22 -24.26
CA ILE B 317 4.45 22.80 -24.44
C ILE B 317 5.82 22.12 -24.74
N TYR B 318 6.09 20.96 -24.13
CA TYR B 318 7.28 20.16 -24.49
C TYR B 318 6.87 18.92 -25.25
N VAL B 319 7.61 18.62 -26.31
CA VAL B 319 7.32 17.45 -27.14
C VAL B 319 8.62 16.67 -27.41
N SER B 320 8.62 15.38 -27.08
CA SER B 320 9.72 14.51 -27.50
C SER B 320 9.51 14.10 -28.95
N ASP B 321 10.58 14.19 -29.75
CA ASP B 321 10.55 13.72 -31.13
C ASP B 321 11.53 12.57 -31.28
N MSE B 322 10.99 11.40 -31.54
CA MSE B 322 11.77 10.17 -31.64
C MSE B 322 12.72 10.09 -32.83
O MSE B 322 13.68 9.32 -32.77
CB MSE B 322 10.84 8.96 -31.62
CG MSE B 322 10.12 8.76 -30.31
SE MSE B 322 11.06 7.53 -29.15
CE MSE B 322 10.45 5.88 -29.98
N CYS B 323 12.45 10.83 -33.92
CA CYS B 323 13.33 10.85 -35.12
C CYS B 323 14.74 11.34 -34.83
N CYS B 324 14.84 12.27 -33.88
CA CYS B 324 15.94 13.21 -33.88
C CYS B 324 16.58 13.59 -32.53
N SER B 325 16.53 12.69 -31.54
CA SER B 325 17.25 12.91 -30.27
C SER B 325 16.96 14.28 -29.66
N LYS B 326 15.69 14.71 -29.65
CA LYS B 326 15.44 16.09 -29.19
C LYS B 326 14.10 16.27 -28.49
N ILE B 327 14.05 17.27 -27.61
CA ILE B 327 12.81 17.75 -27.05
C ILE B 327 12.54 19.09 -27.70
N GLU B 328 11.37 19.21 -28.31
CA GLU B 328 10.95 20.47 -28.92
C GLU B 328 10.12 21.25 -27.93
N VAL B 329 10.44 22.54 -27.84
CA VAL B 329 9.77 23.49 -26.98
C VAL B 329 8.87 24.33 -27.86
N TYR B 330 7.56 24.12 -27.75
CA TYR B 330 6.60 24.87 -28.54
C TYR B 330 6.09 26.11 -27.84
N ASP B 331 5.87 27.15 -28.64
CA ASP B 331 5.19 28.36 -28.24
C ASP B 331 3.83 28.26 -28.91
N LEU B 332 2.79 28.11 -28.09
CA LEU B 332 1.44 27.84 -28.56
C LEU B 332 0.79 29.04 -29.25
N LYS B 333 1.06 30.24 -28.74
CA LYS B 333 0.51 31.48 -29.31
C LYS B 333 0.97 31.65 -30.75
N GLU B 334 2.30 31.73 -30.94
CA GLU B 334 2.92 31.85 -32.25
C GLU B 334 2.95 30.53 -33.03
N LYS B 335 2.42 29.45 -32.42
CA LYS B 335 2.32 28.15 -33.09
C LYS B 335 3.62 27.73 -33.82
N LYS B 336 4.72 27.70 -33.06
CA LYS B 336 6.04 27.35 -33.58
C LYS B 336 6.93 26.67 -32.54
N VAL B 337 8.00 26.04 -33.01
CA VAL B 337 9.06 25.54 -32.13
C VAL B 337 9.97 26.71 -31.76
N GLN B 338 10.00 27.04 -30.47
CA GLN B 338 10.85 28.14 -30.00
C GLN B 338 12.28 27.69 -29.69
N LYS B 339 12.51 26.38 -29.60
CA LYS B 339 13.80 25.81 -29.21
C LYS B 339 13.72 24.29 -29.33
N SER B 340 14.83 23.69 -29.74
CA SER B 340 14.98 22.23 -29.70
C SER B 340 16.10 21.91 -28.70
N ILE B 341 15.86 20.95 -27.81
CA ILE B 341 16.86 20.59 -26.80
C ILE B 341 17.49 19.25 -27.15
N PRO B 342 18.81 19.22 -27.41
CA PRO B 342 19.45 17.93 -27.70
C PRO B 342 19.44 17.00 -26.47
N VAL B 343 19.00 15.75 -26.68
CA VAL B 343 19.05 14.73 -25.65
C VAL B 343 19.68 13.48 -26.26
N PHE B 344 19.51 12.32 -25.63
CA PHE B 344 20.08 11.06 -26.15
C PHE B 344 19.09 10.42 -27.16
N ASP B 345 19.52 9.35 -27.83
CA ASP B 345 18.70 8.73 -28.87
C ASP B 345 17.33 8.29 -28.34
N LYS B 346 16.31 8.50 -29.18
CA LYS B 346 14.97 7.94 -29.00
C LYS B 346 14.25 8.42 -27.73
N PRO B 347 14.08 9.75 -27.58
CA PRO B 347 13.35 10.21 -26.39
C PRO B 347 11.87 9.81 -26.48
N ASN B 348 11.37 9.14 -25.44
CA ASN B 348 9.96 8.74 -25.44
C ASN B 348 9.12 9.47 -24.38
N THR B 349 8.96 8.87 -23.21
CA THR B 349 8.13 9.47 -22.16
C THR B 349 8.86 10.66 -21.56
N ILE B 350 8.13 11.75 -21.34
CA ILE B 350 8.64 12.89 -20.60
C ILE B 350 7.63 13.30 -19.53
N ALA B 351 8.11 13.98 -18.49
CA ALA B 351 7.23 14.46 -17.41
C ALA B 351 7.83 15.66 -16.73
N LEU B 352 6.96 16.61 -16.36
CA LEU B 352 7.36 17.80 -15.60
C LEU B 352 7.27 17.52 -14.10
N SER B 353 8.27 17.93 -13.32
CA SER B 353 8.20 17.78 -11.88
C SER B 353 7.02 18.61 -11.38
N PRO B 354 6.34 18.15 -10.31
CA PRO B 354 5.22 18.89 -9.77
C PRO B 354 5.53 20.35 -9.46
N ASP B 355 6.78 20.65 -9.11
CA ASP B 355 7.21 22.05 -8.87
C ASP B 355 7.64 22.79 -10.13
N GLY B 356 7.58 22.12 -11.28
CA GLY B 356 7.88 22.76 -12.58
C GLY B 356 9.34 23.04 -12.89
N LYS B 357 10.24 22.71 -11.96
CA LYS B 357 11.68 22.98 -12.11
C LYS B 357 12.39 22.10 -13.17
N TYR B 358 12.01 20.83 -13.24
CA TYR B 358 12.63 19.90 -14.18
C TYR B 358 11.66 19.28 -15.15
N LEU B 359 12.11 19.09 -16.40
CA LEU B 359 11.46 18.15 -17.29
C LEU B 359 12.37 16.94 -17.34
N TYR B 360 11.80 15.79 -17.00
CA TYR B 360 12.49 14.53 -17.02
C TYR B 360 12.22 13.84 -18.35
N VAL B 361 13.24 13.25 -18.95
CA VAL B 361 13.17 12.69 -20.29
C VAL B 361 13.75 11.28 -20.29
N SER B 362 12.94 10.29 -20.66
CA SER B 362 13.43 8.93 -20.92
C SER B 362 13.94 8.83 -22.36
N CYS B 363 15.17 8.35 -22.52
CA CYS B 363 15.77 8.13 -23.84
C CYS B 363 16.04 6.64 -24.09
N ARG B 364 15.35 6.06 -25.07
CA ARG B 364 15.39 4.59 -25.27
C ARG B 364 16.77 4.06 -25.68
N GLY B 365 17.57 4.90 -26.33
CA GLY B 365 18.85 4.47 -26.90
C GLY B 365 18.75 4.21 -28.40
N PRO B 366 19.89 4.10 -29.10
CA PRO B 366 19.88 3.81 -30.54
C PRO B 366 19.41 2.39 -30.84
N ASN B 367 18.58 2.26 -31.89
CA ASN B 367 18.05 0.97 -32.30
C ASN B 367 19.18 0.02 -32.66
N HIS B 368 19.07 -1.26 -32.27
CA HIS B 368 20.03 -2.27 -32.69
C HIS B 368 20.28 -2.11 -34.19
N PRO B 369 21.56 -1.92 -34.57
CA PRO B 369 21.89 -1.50 -35.94
C PRO B 369 21.50 -2.46 -37.06
N THR B 370 21.39 -3.75 -36.76
CA THR B 370 21.02 -4.71 -37.80
C THR B 370 19.66 -5.40 -37.57
N GLU B 371 19.17 -5.39 -36.33
CA GLU B 371 17.91 -6.07 -36.01
C GLU B 371 16.75 -5.11 -35.70
N GLY B 372 17.05 -3.85 -35.39
CA GLY B 372 16.02 -2.87 -35.08
C GLY B 372 15.58 -2.89 -33.62
N TYR B 373 14.58 -2.05 -33.30
CA TYR B 373 14.14 -1.78 -31.91
C TYR B 373 13.51 -2.94 -31.15
N LEU B 374 13.13 -4.01 -31.85
CA LEU B 374 12.57 -5.19 -31.22
C LEU B 374 13.61 -6.03 -30.45
N LYS B 375 14.88 -5.80 -30.75
CA LYS B 375 16.00 -6.44 -30.05
C LYS B 375 16.68 -5.47 -29.09
N LYS B 376 17.16 -5.98 -27.96
CA LYS B 376 18.02 -5.19 -27.08
C LYS B 376 19.11 -4.53 -27.92
N GLY B 377 19.28 -3.22 -27.74
CA GLY B 377 20.33 -2.49 -28.37
C GLY B 377 21.72 -2.81 -27.85
N LEU B 378 22.71 -2.24 -28.51
CA LEU B 378 24.11 -2.47 -28.15
C LEU B 378 24.60 -1.32 -27.29
N VAL B 379 23.66 -0.42 -26.99
CA VAL B 379 23.87 0.75 -26.16
C VAL B 379 22.72 0.83 -25.15
N LEU B 380 23.06 1.08 -23.89
CA LEU B 380 22.04 1.28 -22.85
C LEU B 380 21.39 2.67 -22.98
N GLY B 381 20.14 2.78 -22.53
CA GLY B 381 19.42 4.06 -22.59
C GLY B 381 19.84 5.03 -21.49
N LYS B 382 19.26 6.23 -21.50
CA LYS B 382 19.67 7.28 -20.57
C LYS B 382 18.45 8.01 -20.05
N VAL B 383 18.60 8.68 -18.90
CA VAL B 383 17.57 9.59 -18.38
C VAL B 383 18.16 10.98 -18.38
N TYR B 384 17.35 11.96 -18.79
CA TYR B 384 17.79 13.33 -18.92
C TYR B 384 16.96 14.24 -18.05
N VAL B 385 17.61 15.18 -17.40
CA VAL B 385 16.94 16.13 -16.54
C VAL B 385 17.15 17.48 -17.19
N ILE B 386 16.05 18.13 -17.54
CA ILE B 386 16.11 19.42 -18.21
C ILE B 386 15.68 20.50 -17.24
N ASP B 387 16.47 21.57 -17.18
CA ASP B 387 16.15 22.68 -16.30
C ASP B 387 15.26 23.65 -17.06
N THR B 388 14.01 23.78 -16.61
CA THR B 388 13.01 24.52 -17.37
C THR B 388 13.16 26.05 -17.32
N THR B 389 14.01 26.55 -16.43
CA THR B 389 14.30 27.99 -16.38
C THR B 389 15.13 28.40 -17.60
N THR B 390 16.01 27.50 -18.06
CA THR B 390 16.89 27.79 -19.19
C THR B 390 16.61 26.89 -20.41
N ASP B 391 15.72 25.91 -20.24
CA ASP B 391 15.49 24.88 -21.25
C ASP B 391 16.81 24.28 -21.76
N THR B 392 17.65 23.88 -20.81
CA THR B 392 18.93 23.25 -21.09
C THR B 392 19.09 22.04 -20.17
N VAL B 393 19.87 21.06 -20.63
CA VAL B 393 20.07 19.80 -19.90
C VAL B 393 20.93 20.08 -18.68
N LYS B 394 20.38 19.81 -17.49
CA LYS B 394 21.13 19.97 -16.22
C LYS B 394 22.03 18.79 -15.91
N GLU B 395 21.51 17.58 -16.12
CA GLU B 395 22.25 16.35 -15.84
C GLU B 395 21.61 15.21 -16.60
N PHE B 396 22.34 14.11 -16.72
CA PHE B 396 21.83 12.90 -17.37
C PHE B 396 22.68 11.70 -16.97
N TRP B 397 22.15 10.50 -17.12
CA TRP B 397 22.85 9.32 -16.67
C TRP B 397 22.35 8.07 -17.38
N GLU B 398 23.13 7.02 -17.30
CA GLU B 398 22.78 5.81 -17.99
C GLU B 398 21.83 4.95 -17.16
N ALA B 399 20.87 4.35 -17.83
CA ALA B 399 19.99 3.39 -17.19
C ALA B 399 20.14 2.03 -17.88
N GLY B 400 19.02 1.35 -18.07
CA GLY B 400 19.06 -0.02 -18.59
C GLY B 400 18.63 -0.11 -20.05
N ASN B 401 18.16 -1.29 -20.42
CA ASN B 401 17.75 -1.61 -21.79
C ASN B 401 16.37 -1.04 -22.08
N GLN B 402 16.38 -0.03 -22.95
CA GLN B 402 15.18 0.64 -23.44
C GLN B 402 14.32 1.33 -22.37
N PRO B 403 14.89 2.35 -21.69
CA PRO B 403 14.05 3.19 -20.84
C PRO B 403 12.82 3.61 -21.65
N THR B 404 11.64 3.51 -21.04
CA THR B 404 10.42 3.85 -21.77
C THR B 404 9.40 4.56 -20.87
N GLY B 405 8.98 3.90 -19.79
CA GLY B 405 8.09 4.54 -18.81
C GLY B 405 8.86 5.54 -17.97
N LEU B 406 8.18 6.62 -17.57
CA LEU B 406 8.78 7.60 -16.66
C LEU B 406 7.66 8.35 -15.93
N ASP B 407 7.79 8.50 -14.62
CA ASP B 407 6.94 9.44 -13.88
C ASP B 407 7.68 9.96 -12.65
N VAL B 408 7.23 11.10 -12.15
CA VAL B 408 7.75 11.69 -10.93
C VAL B 408 6.63 11.73 -9.89
N SER B 409 6.95 11.43 -8.63
CA SER B 409 5.94 11.35 -7.58
C SER B 409 5.37 12.75 -7.27
N PRO B 410 4.11 12.79 -6.80
CA PRO B 410 3.40 14.05 -6.56
C PRO B 410 4.13 15.05 -5.66
N ASP B 411 5.06 14.56 -4.85
CA ASP B 411 5.77 15.35 -3.86
C ASP B 411 7.21 15.71 -4.32
N ASN B 412 7.48 15.57 -5.62
CA ASN B 412 8.81 15.77 -6.21
C ASN B 412 9.90 14.78 -5.79
N ARG B 413 9.60 13.92 -4.83
CA ARG B 413 10.60 13.06 -4.20
C ARG B 413 11.25 12.07 -5.14
N TYR B 414 10.44 11.23 -5.80
CA TYR B 414 10.96 10.13 -6.61
C TYR B 414 10.78 10.33 -8.12
N LEU B 415 11.79 9.90 -8.87
CA LEU B 415 11.71 9.74 -10.30
C LEU B 415 11.82 8.25 -10.60
N VAL B 416 10.92 7.73 -11.44
CA VAL B 416 10.93 6.32 -11.78
C VAL B 416 10.92 6.14 -13.29
N ILE B 417 11.73 5.23 -13.79
CA ILE B 417 11.71 4.87 -15.20
C ILE B 417 11.49 3.37 -15.32
N SER B 418 10.93 2.92 -16.43
CA SER B 418 10.94 1.46 -16.69
C SER B 418 11.98 1.17 -17.74
N ASP B 419 12.77 0.11 -17.49
CA ASP B 419 13.72 -0.38 -18.46
C ASP B 419 12.95 -1.47 -19.20
N PHE B 420 12.41 -1.11 -20.36
CA PHE B 420 11.38 -1.91 -21.06
C PHE B 420 11.80 -3.35 -21.30
N LEU B 421 13.02 -3.57 -21.77
CA LEU B 421 13.44 -4.92 -22.13
C LEU B 421 14.14 -5.63 -20.99
N ASP B 422 14.26 -4.92 -19.87
CA ASP B 422 14.75 -5.53 -18.64
C ASP B 422 13.61 -5.96 -17.68
N HIS B 423 12.37 -5.63 -18.01
CA HIS B 423 11.22 -6.01 -17.16
C HIS B 423 11.43 -5.59 -15.71
N GLN B 424 11.71 -4.31 -15.54
CA GLN B 424 12.02 -3.74 -14.26
C GLN B 424 11.83 -2.22 -14.31
N ILE B 425 11.83 -1.61 -13.13
CA ILE B 425 11.86 -0.16 -13.00
C ILE B 425 13.13 0.19 -12.25
N ARG B 426 13.59 1.42 -12.40
CA ARG B 426 14.65 1.96 -11.56
C ARG B 426 14.07 3.17 -10.86
N VAL B 427 14.38 3.28 -9.57
CA VAL B 427 13.86 4.35 -8.70
C VAL B 427 14.98 5.28 -8.25
N TYR B 428 14.77 6.58 -8.42
CA TYR B 428 15.77 7.61 -8.08
C TYR B 428 15.13 8.62 -7.15
N ARG B 429 15.92 9.19 -6.24
CA ARG B 429 15.44 10.23 -5.32
C ARG B 429 16.12 11.57 -5.59
N ARG B 430 15.31 12.62 -5.71
CA ARG B 430 15.79 13.97 -5.94
C ARG B 430 16.31 14.59 -4.63
N ASP B 431 17.52 15.12 -4.71
CA ASP B 431 18.16 15.82 -3.60
C ASP B 431 17.26 16.94 -3.10
N GLY B 432 17.15 17.05 -1.78
CA GLY B 432 16.36 18.07 -1.14
C GLY B 432 14.90 17.66 -0.93
N PHE B 433 14.56 16.44 -1.32
CA PHE B 433 13.17 16.00 -1.28
C PHE B 433 13.01 14.63 -0.62
S SO4 C . -38.66 -7.19 4.48
O1 SO4 C . -39.36 -6.69 5.64
O2 SO4 C . -37.44 -7.83 4.89
O3 SO4 C . -39.47 -8.20 3.82
O4 SO4 C . -38.40 -6.13 3.52
S SO4 D . -6.07 -11.39 26.90
O1 SO4 D . -6.63 -12.59 27.50
O2 SO4 D . -4.65 -11.40 27.25
O3 SO4 D . -6.24 -11.38 25.45
O4 SO4 D . -6.72 -10.22 27.45
S SO4 E . 6.70 4.07 -28.67
O1 SO4 E . 5.34 3.76 -29.12
O2 SO4 E . 6.89 3.65 -27.29
O3 SO4 E . 7.63 3.35 -29.55
O4 SO4 E . 6.94 5.51 -28.73
#